data_5HC9
#
_entry.id   5HC9
#
_cell.length_a   98.180
_cell.length_b   96.190
_cell.length_c   108.580
_cell.angle_alpha   90.000
_cell.angle_beta   110.300
_cell.angle_gamma   90.000
#
_symmetry.space_group_name_H-M   'P 1 21 1'
#
loop_
_entity.id
_entity.type
_entity.pdbx_description
1 polymer 'tRNA nucleotidyl transferase-related protein'
2 polymer tRNAphe
3 non-polymer 'MAGNESIUM ION'
#
loop_
_entity_poly.entity_id
_entity_poly.type
_entity_poly.pdbx_seq_one_letter_code
_entity_poly.pdbx_strand_id
1 'polypeptide(L)'
;MQIFRDVSKLLVERVDPKILNLFRLLGKFGDEVNMPVYVVGGFVRDLLLGIKNLDIDIVVEGNALEFAEYAKRFLPGKLV
KHDKFMTASLFLKGGLRIDIATARLEYYESPAKLPDVEMSTIKKDLYRRDFTINAMAIKLNPKDFGLLIDFFGGYRDLKE
GVIRVLHTLSFVDDPTRILRAIRFEQRFDFRIEETTERLLKQAVEEGYLERTTGPRLRQELEKILEEKNPLKSIRRMAQF
DVIKHLFPKTYYTPSMDEKMENLFRNIPWVEENFGEVDRFYAVLHVFLEFYDDESWKEVRDRYSLRRNLINEIRHVEKSA
PALLEMLSERVPASFVYPLVKGVSNETICHFLAYLSGEKEGLFKSYLLKIKNTKLEKINGEYLIRKGITSGKIIGEVLEK
ILMKKLDGDTRDEEEILEEVLASLETEGKLAAALEHHHHHH
;
A,B
2 'polyribonucleotide' GGCCAGGUAGCUCAGUUGGUAGAGCACUGGACUGAAAAUCCAGGUGUCGGCGGUUCGAUUCCGCCCCUGGCCACCA C,D
#
loop_
_chem_comp.id
_chem_comp.type
_chem_comp.name
_chem_comp.formula
A RNA linking ADENOSINE-5'-MONOPHOSPHATE 'C10 H14 N5 O7 P'
C RNA linking CYTIDINE-5'-MONOPHOSPHATE 'C9 H14 N3 O8 P'
G RNA linking GUANOSINE-5'-MONOPHOSPHATE 'C10 H14 N5 O8 P'
MG non-polymer 'MAGNESIUM ION' 'Mg 2'
U RNA linking URIDINE-5'-MONOPHOSPHATE 'C9 H13 N2 O9 P'
#
# COMPACT_ATOMS: atom_id res chain seq x y z
N MET A 1 -43.44 2.66 -21.85
CA MET A 1 -42.53 3.76 -22.16
C MET A 1 -42.49 4.01 -23.67
N GLN A 2 -42.46 5.27 -24.06
CA GLN A 2 -42.47 5.65 -25.46
C GLN A 2 -41.22 5.16 -26.19
N ILE A 3 -41.42 4.51 -27.33
CA ILE A 3 -40.33 3.97 -28.12
C ILE A 3 -39.88 4.95 -29.21
N PHE A 4 -40.78 5.23 -30.14
CA PHE A 4 -40.45 6.03 -31.32
C PHE A 4 -40.62 7.53 -31.11
N ARG A 5 -39.69 8.30 -31.66
CA ARG A 5 -39.73 9.75 -31.56
C ARG A 5 -39.34 10.37 -32.90
N ASP A 6 -39.56 11.67 -33.07
CA ASP A 6 -39.17 12.33 -34.32
C ASP A 6 -38.02 13.31 -34.11
N VAL A 7 -36.84 12.94 -34.59
CA VAL A 7 -35.64 13.78 -34.46
C VAL A 7 -35.30 14.56 -35.73
N SER A 8 -36.14 14.44 -36.76
CA SER A 8 -35.88 15.03 -38.08
C SER A 8 -35.45 16.50 -38.05
N LYS A 9 -36.12 17.29 -37.22
CA LYS A 9 -35.75 18.69 -37.05
C LYS A 9 -34.37 18.81 -36.41
N LEU A 10 -34.12 18.01 -35.37
CA LEU A 10 -32.82 17.98 -34.72
C LEU A 10 -31.76 17.52 -35.70
N LEU A 11 -32.12 16.55 -36.54
CA LEU A 11 -31.26 16.08 -37.61
C LEU A 11 -30.83 17.21 -38.53
N VAL A 12 -31.79 17.83 -39.21
CA VAL A 12 -31.44 18.88 -40.17
C VAL A 12 -30.76 20.08 -39.52
N GLU A 13 -31.14 20.41 -38.30
CA GLU A 13 -30.56 21.57 -37.62
C GLU A 13 -29.13 21.34 -37.15
N ARG A 14 -28.92 20.27 -36.38
CA ARG A 14 -27.64 20.03 -35.72
C ARG A 14 -26.57 19.37 -36.60
N VAL A 15 -26.96 18.40 -37.41
CA VAL A 15 -25.99 17.59 -38.15
C VAL A 15 -25.35 18.35 -39.31
N ASP A 16 -24.04 18.16 -39.47
CA ASP A 16 -23.28 18.72 -40.59
C ASP A 16 -23.92 18.32 -41.92
N PRO A 17 -24.14 19.31 -42.80
CA PRO A 17 -24.82 19.12 -44.08
C PRO A 17 -24.23 18.00 -44.94
N LYS A 18 -22.91 17.82 -44.92
CA LYS A 18 -22.29 16.76 -45.70
C LYS A 18 -22.73 15.39 -45.18
N ILE A 19 -22.55 15.19 -43.88
CA ILE A 19 -22.99 13.97 -43.21
C ILE A 19 -24.49 13.75 -43.35
N LEU A 20 -25.25 14.85 -43.32
CA LEU A 20 -26.70 14.79 -43.51
C LEU A 20 -27.06 14.29 -44.90
N ASN A 21 -26.42 14.84 -45.93
CA ASN A 21 -26.64 14.39 -47.30
C ASN A 21 -26.28 12.93 -47.42
N LEU A 22 -25.22 12.54 -46.72
CA LEU A 22 -24.79 11.15 -46.71
C LEU A 22 -25.89 10.26 -46.12
N PHE A 23 -26.50 10.72 -45.03
CA PHE A 23 -27.61 10.01 -44.40
C PHE A 23 -28.79 9.86 -45.34
N ARG A 24 -29.18 10.97 -45.97
CA ARG A 24 -30.27 10.97 -46.94
C ARG A 24 -30.02 9.94 -48.04
N LEU A 25 -28.84 10.03 -48.65
CA LEU A 25 -28.47 9.14 -49.74
C LEU A 25 -28.48 7.68 -49.28
N LEU A 26 -27.98 7.41 -48.09
CA LEU A 26 -27.94 6.06 -47.56
C LEU A 26 -29.35 5.51 -47.36
N GLY A 27 -30.24 6.33 -46.82
CA GLY A 27 -31.63 5.96 -46.67
C GLY A 27 -32.28 5.63 -48.01
N LYS A 28 -32.07 6.50 -48.99
CA LYS A 28 -32.63 6.30 -50.31
C LYS A 28 -32.12 5.00 -50.94
N PHE A 29 -30.81 4.76 -50.82
CA PHE A 29 -30.21 3.51 -51.29
C PHE A 29 -30.91 2.34 -50.64
N GLY A 30 -31.18 2.47 -49.34
CA GLY A 30 -31.88 1.45 -48.60
C GLY A 30 -33.26 1.16 -49.18
N ASP A 31 -33.99 2.23 -49.53
CA ASP A 31 -35.30 2.06 -50.14
C ASP A 31 -35.19 1.38 -51.50
N GLU A 32 -34.10 1.65 -52.21
CA GLU A 32 -33.89 1.07 -53.54
C GLU A 32 -33.59 -0.42 -53.47
N VAL A 33 -32.85 -0.84 -52.46
CA VAL A 33 -32.49 -2.25 -52.28
C VAL A 33 -33.44 -2.97 -51.31
N ASN A 34 -34.47 -2.25 -50.87
CA ASN A 34 -35.48 -2.80 -49.94
C ASN A 34 -34.90 -3.19 -48.59
N MET A 35 -33.81 -2.54 -48.20
CA MET A 35 -33.22 -2.76 -46.87
C MET A 35 -33.46 -1.56 -45.96
N PRO A 36 -34.04 -1.81 -44.78
CA PRO A 36 -34.13 -0.76 -43.75
C PRO A 36 -32.74 -0.27 -43.36
N VAL A 37 -32.57 1.03 -43.23
CA VAL A 37 -31.26 1.61 -42.92
C VAL A 37 -31.31 2.45 -41.66
N TYR A 38 -30.35 2.23 -40.76
CA TYR A 38 -30.28 2.99 -39.52
C TYR A 38 -28.88 3.56 -39.29
N VAL A 39 -28.81 4.65 -38.54
CA VAL A 39 -27.56 5.12 -37.96
C VAL A 39 -27.64 4.85 -36.46
N VAL A 40 -26.58 4.29 -35.90
CA VAL A 40 -26.63 3.80 -34.52
C VAL A 40 -25.42 4.22 -33.69
N GLY A 41 -25.51 3.98 -32.38
CA GLY A 41 -24.35 4.15 -31.51
C GLY A 41 -24.17 5.53 -30.92
N GLY A 42 -22.90 5.89 -30.69
CA GLY A 42 -22.54 7.13 -30.03
C GLY A 42 -22.98 8.37 -30.76
N PHE A 43 -23.13 8.25 -32.09
CA PHE A 43 -23.56 9.38 -32.91
C PHE A 43 -24.94 9.86 -32.50
N VAL A 44 -25.84 8.91 -32.26
CA VAL A 44 -27.20 9.23 -31.84
C VAL A 44 -27.20 9.94 -30.49
N ARG A 45 -26.47 9.34 -29.55
CA ARG A 45 -26.34 9.88 -28.20
C ARG A 45 -25.83 11.32 -28.23
N ASP A 46 -24.71 11.53 -28.92
CA ASP A 46 -24.12 12.86 -29.02
C ASP A 46 -25.05 13.83 -29.74
N LEU A 47 -25.78 13.32 -30.72
CA LEU A 47 -26.77 14.13 -31.43
C LEU A 47 -27.80 14.66 -30.45
N LEU A 48 -28.22 13.81 -29.52
CA LEU A 48 -29.14 14.24 -28.48
C LEU A 48 -28.48 15.17 -27.47
N LEU A 49 -27.17 14.98 -27.26
CA LEU A 49 -26.45 15.78 -26.27
C LEU A 49 -25.86 17.06 -26.87
N GLY A 50 -25.94 17.18 -28.19
CA GLY A 50 -25.40 18.34 -28.88
C GLY A 50 -23.88 18.32 -28.95
N ILE A 51 -23.32 17.16 -29.25
CA ILE A 51 -21.87 17.01 -29.36
C ILE A 51 -21.48 16.51 -30.74
N LYS A 52 -20.40 17.05 -31.28
CA LYS A 52 -19.92 16.65 -32.60
C LYS A 52 -19.40 15.23 -32.60
N ASN A 53 -19.93 14.40 -33.49
CA ASN A 53 -19.49 13.00 -33.62
C ASN A 53 -19.14 12.67 -35.06
N LEU A 54 -17.87 12.41 -35.32
CA LEU A 54 -17.39 12.16 -36.67
C LEU A 54 -17.67 10.76 -37.19
N ASP A 55 -17.40 9.74 -36.38
CA ASP A 55 -17.55 8.37 -36.84
C ASP A 55 -19.02 7.99 -36.92
N ILE A 56 -19.41 7.41 -38.05
CA ILE A 56 -20.79 7.05 -38.30
C ILE A 56 -20.94 5.54 -38.47
N ASP A 57 -21.80 4.95 -37.65
CA ASP A 57 -22.06 3.51 -37.74
C ASP A 57 -23.43 3.24 -38.32
N ILE A 58 -23.46 2.60 -39.47
CA ILE A 58 -24.71 2.30 -40.16
C ILE A 58 -25.09 0.83 -40.00
N VAL A 59 -26.34 0.59 -39.62
CA VAL A 59 -26.85 -0.77 -39.49
C VAL A 59 -28.03 -0.98 -40.43
N VAL A 60 -27.89 -1.91 -41.36
CA VAL A 60 -28.95 -2.20 -42.32
C VAL A 60 -29.52 -3.60 -42.10
N GLU A 61 -30.83 -3.76 -42.36
CA GLU A 61 -31.41 -5.08 -42.29
C GLU A 61 -31.38 -5.69 -43.68
N GLY A 62 -30.48 -6.65 -43.86
CA GLY A 62 -30.21 -7.22 -45.16
C GLY A 62 -28.73 -7.52 -45.23
N ASN A 63 -28.23 -7.86 -46.41
CA ASN A 63 -26.81 -8.06 -46.58
C ASN A 63 -26.10 -6.71 -46.62
N ALA A 64 -25.17 -6.50 -45.69
CA ALA A 64 -24.46 -5.23 -45.62
C ALA A 64 -23.38 -5.13 -46.70
N LEU A 65 -22.87 -6.28 -47.12
CA LEU A 65 -21.89 -6.32 -48.18
C LEU A 65 -22.53 -5.90 -49.50
N GLU A 66 -23.75 -6.37 -49.73
CA GLU A 66 -24.49 -5.99 -50.92
C GLU A 66 -24.85 -4.52 -50.90
N PHE A 67 -25.30 -4.03 -49.75
CA PHE A 67 -25.66 -2.62 -49.58
C PHE A 67 -24.45 -1.71 -49.81
N ALA A 68 -23.30 -2.10 -49.25
CA ALA A 68 -22.08 -1.34 -49.41
C ALA A 68 -21.64 -1.33 -50.87
N GLU A 69 -21.64 -2.51 -51.48
CA GLU A 69 -21.24 -2.65 -52.89
C GLU A 69 -22.18 -1.83 -53.78
N TYR A 70 -23.42 -1.67 -53.32
CA TYR A 70 -24.41 -0.89 -54.05
C TYR A 70 -24.16 0.61 -53.88
N ALA A 71 -23.70 0.98 -52.69
CA ALA A 71 -23.50 2.39 -52.38
C ALA A 71 -22.11 2.86 -52.80
N LYS A 72 -21.28 1.95 -53.31
CA LYS A 72 -19.93 2.30 -53.71
C LYS A 72 -19.92 3.00 -55.07
N ARG A 73 -20.77 2.57 -55.98
CA ARG A 73 -20.80 3.17 -57.30
C ARG A 73 -21.30 4.61 -57.25
N PHE A 74 -22.26 4.87 -56.38
CA PHE A 74 -22.81 6.22 -56.25
C PHE A 74 -21.98 7.12 -55.35
N LEU A 75 -21.18 6.52 -54.47
CA LEU A 75 -20.35 7.27 -53.54
C LEU A 75 -18.85 7.05 -53.79
N PRO A 76 -18.14 8.11 -54.17
CA PRO A 76 -16.71 8.04 -54.46
C PRO A 76 -15.89 7.63 -53.23
N GLY A 77 -14.97 6.69 -53.43
CA GLY A 77 -14.13 6.24 -52.33
C GLY A 77 -13.63 4.82 -52.46
N LYS A 78 -13.15 4.27 -51.36
CA LYS A 78 -12.58 2.93 -51.35
C LYS A 78 -13.34 2.01 -50.40
N LEU A 79 -13.85 0.90 -50.92
CA LEU A 79 -14.59 -0.07 -50.11
C LEU A 79 -13.66 -1.15 -49.59
N VAL A 80 -13.70 -1.38 -48.28
CA VAL A 80 -13.03 -2.52 -47.68
C VAL A 80 -14.05 -3.47 -47.08
N LYS A 81 -14.21 -4.63 -47.72
CA LYS A 81 -15.15 -5.64 -47.23
C LYS A 81 -14.45 -6.64 -46.33
N HIS A 82 -15.10 -6.95 -45.21
CA HIS A 82 -14.67 -8.10 -44.40
C HIS A 82 -15.78 -9.11 -44.42
N ASP A 83 -15.61 -10.23 -45.12
CA ASP A 83 -16.63 -11.24 -44.97
C ASP A 83 -16.13 -12.16 -43.88
N LYS A 84 -16.64 -11.87 -42.69
CA LYS A 84 -16.49 -12.72 -41.54
C LYS A 84 -17.84 -12.65 -40.81
N PHE A 85 -18.10 -11.46 -40.28
CA PHE A 85 -19.32 -11.09 -39.59
C PHE A 85 -20.30 -10.37 -40.51
N MET A 86 -19.96 -10.32 -41.80
CA MET A 86 -20.73 -9.55 -42.78
C MET A 86 -20.74 -8.06 -42.44
N THR A 87 -19.58 -7.44 -42.60
CA THR A 87 -19.41 -6.01 -42.35
C THR A 87 -18.52 -5.37 -43.40
N ALA A 88 -18.76 -4.08 -43.64
CA ALA A 88 -17.99 -3.34 -44.63
C ALA A 88 -17.64 -1.94 -44.14
N SER A 89 -16.50 -1.44 -44.60
CA SER A 89 -16.06 -0.10 -44.25
C SER A 89 -15.75 0.70 -45.51
N LEU A 90 -16.53 1.75 -45.73
CA LEU A 90 -16.39 2.56 -46.94
C LEU A 90 -15.72 3.90 -46.65
N PHE A 91 -14.50 4.08 -47.15
CA PHE A 91 -13.75 5.30 -46.91
C PHE A 91 -14.00 6.31 -48.02
N LEU A 92 -14.67 7.40 -47.69
CA LEU A 92 -14.98 8.44 -48.66
C LEU A 92 -13.77 9.32 -48.93
N LYS A 93 -13.74 9.93 -50.11
CA LYS A 93 -12.65 10.83 -50.48
C LYS A 93 -12.58 12.06 -49.58
N GLY A 94 -13.73 12.44 -49.02
CA GLY A 94 -13.81 13.59 -48.14
C GLY A 94 -13.12 13.39 -46.81
N GLY A 95 -12.70 12.16 -46.53
CA GLY A 95 -12.02 11.85 -45.30
C GLY A 95 -12.90 11.10 -44.32
N LEU A 96 -14.20 11.09 -44.60
CA LEU A 96 -15.15 10.39 -43.73
C LEU A 96 -15.08 8.89 -43.91
N ARG A 97 -15.49 8.17 -42.88
CA ARG A 97 -15.51 6.71 -42.92
C ARG A 97 -16.88 6.17 -42.52
N ILE A 98 -17.45 5.32 -43.37
CA ILE A 98 -18.76 4.75 -43.11
C ILE A 98 -18.65 3.28 -42.70
N ASP A 99 -19.05 2.97 -41.48
CA ASP A 99 -19.05 1.60 -41.01
C ASP A 99 -20.45 0.99 -41.14
N ILE A 100 -20.55 -0.06 -41.94
CA ILE A 100 -21.83 -0.69 -42.25
C ILE A 100 -21.87 -2.14 -41.77
N ALA A 101 -22.87 -2.45 -40.96
CA ALA A 101 -23.02 -3.77 -40.36
C ALA A 101 -24.37 -4.40 -40.67
N THR A 102 -24.46 -5.71 -40.50
CA THR A 102 -25.66 -6.47 -40.82
C THR A 102 -26.56 -6.71 -39.60
N ALA A 103 -27.86 -6.46 -39.77
CA ALA A 103 -28.83 -6.81 -38.74
C ALA A 103 -29.76 -7.90 -39.27
N ARG A 104 -29.61 -9.10 -38.72
CA ARG A 104 -30.40 -10.25 -39.18
C ARG A 104 -30.54 -11.30 -38.09
N LEU A 105 -31.52 -12.17 -38.23
CA LEU A 105 -31.92 -13.08 -37.15
C LEU A 105 -31.09 -14.36 -37.08
N GLU A 106 -30.08 -14.49 -37.95
CA GLU A 106 -29.22 -15.66 -38.01
C GLU A 106 -29.97 -16.90 -38.49
N TYR A 107 -31.29 -16.75 -38.66
CA TYR A 107 -32.12 -17.75 -39.32
C TYR A 107 -32.90 -17.07 -40.44
N TYR A 108 -33.76 -16.12 -40.06
CA TYR A 108 -34.53 -15.29 -41.00
C TYR A 108 -35.19 -16.12 -42.12
N GLU A 109 -35.12 -15.60 -43.35
CA GLU A 109 -35.63 -16.29 -44.53
C GLU A 109 -35.33 -15.48 -45.78
N SER A 110 -35.42 -16.13 -46.95
CA SER A 110 -35.25 -15.43 -48.21
C SER A 110 -36.46 -15.66 -49.11
N PRO A 111 -36.91 -14.60 -49.81
CA PRO A 111 -36.39 -13.23 -49.72
C PRO A 111 -36.69 -12.57 -48.38
N ALA A 112 -36.21 -11.34 -48.20
CA ALA A 112 -36.30 -10.64 -46.92
C ALA A 112 -37.74 -10.58 -46.40
N LYS A 113 -37.93 -11.03 -45.18
CA LYS A 113 -39.22 -10.95 -44.52
C LYS A 113 -39.58 -9.48 -44.34
N LEU A 114 -40.84 -9.13 -44.62
CA LEU A 114 -41.25 -7.73 -44.62
C LEU A 114 -41.19 -7.13 -43.21
N PRO A 115 -41.43 -5.81 -43.08
CA PRO A 115 -41.35 -5.24 -41.73
C PRO A 115 -42.34 -5.84 -40.74
N ASP A 116 -41.82 -6.26 -39.59
CA ASP A 116 -42.63 -6.79 -38.51
C ASP A 116 -42.77 -5.73 -37.42
N VAL A 117 -43.92 -5.72 -36.76
CA VAL A 117 -44.18 -4.77 -35.68
C VAL A 117 -43.11 -4.89 -34.59
N GLU A 118 -42.72 -3.75 -34.02
CA GLU A 118 -41.70 -3.66 -32.97
C GLU A 118 -40.28 -3.90 -33.49
N MET A 119 -40.16 -4.27 -34.77
CA MET A 119 -38.86 -4.33 -35.46
C MET A 119 -37.83 -5.26 -34.79
N SER A 120 -38.26 -6.48 -34.51
CA SER A 120 -37.50 -7.44 -33.71
C SER A 120 -36.03 -7.54 -34.09
N THR A 121 -35.78 -7.65 -35.39
CA THR A 121 -34.42 -7.79 -35.90
C THR A 121 -33.50 -6.72 -35.36
N ILE A 122 -33.85 -5.44 -35.58
CA ILE A 122 -32.93 -4.38 -35.20
C ILE A 122 -32.87 -4.32 -33.67
N LYS A 123 -33.98 -4.71 -33.03
CA LYS A 123 -34.02 -4.73 -31.57
C LYS A 123 -32.97 -5.74 -31.09
N LYS A 124 -32.92 -6.87 -31.77
CA LYS A 124 -31.98 -7.93 -31.40
C LYS A 124 -30.55 -7.42 -31.56
N ASP A 125 -30.34 -6.52 -32.51
CA ASP A 125 -29.01 -5.98 -32.76
C ASP A 125 -28.66 -4.94 -31.71
N LEU A 126 -29.67 -4.26 -31.18
CA LEU A 126 -29.44 -3.18 -30.22
C LEU A 126 -29.40 -3.69 -28.80
N TYR A 127 -29.79 -4.94 -28.63
CA TYR A 127 -29.78 -5.59 -27.32
C TYR A 127 -28.35 -6.01 -26.95
N ARG A 128 -27.51 -6.16 -27.96
CA ARG A 128 -26.14 -6.62 -27.77
C ARG A 128 -25.21 -5.49 -27.34
N ARG A 129 -25.70 -4.26 -27.45
CA ARG A 129 -24.90 -3.08 -27.12
C ARG A 129 -24.72 -2.91 -25.61
N ASP A 130 -23.74 -2.10 -25.22
CA ASP A 130 -23.33 -2.03 -23.82
C ASP A 130 -24.35 -1.31 -22.94
N PHE A 131 -24.56 -0.02 -23.19
CA PHE A 131 -25.43 0.78 -22.33
C PHE A 131 -26.63 1.33 -23.11
N THR A 132 -27.68 1.67 -22.37
CA THR A 132 -28.92 2.17 -22.96
C THR A 132 -28.71 3.42 -23.82
N ILE A 133 -27.83 4.32 -23.40
CA ILE A 133 -27.61 5.56 -24.15
C ILE A 133 -26.95 5.29 -25.51
N ASN A 134 -26.24 4.18 -25.62
CA ASN A 134 -25.65 3.77 -26.88
C ASN A 134 -26.51 2.74 -27.62
N ALA A 135 -27.66 2.40 -27.03
CA ALA A 135 -28.53 1.36 -27.55
C ALA A 135 -29.65 1.90 -28.46
N MET A 136 -29.61 3.19 -28.75
CA MET A 136 -30.64 3.82 -29.58
C MET A 136 -30.27 3.90 -31.05
N ALA A 137 -31.26 3.79 -31.93
CA ALA A 137 -31.00 3.87 -33.37
C ALA A 137 -31.82 5.00 -34.00
N ILE A 138 -31.47 5.39 -35.22
CA ILE A 138 -32.26 6.38 -35.97
C ILE A 138 -32.46 5.91 -37.40
N LYS A 139 -33.71 5.81 -37.83
CA LYS A 139 -34.00 5.29 -39.17
C LYS A 139 -33.73 6.33 -40.25
N LEU A 140 -32.88 5.96 -41.21
CA LEU A 140 -32.50 6.90 -42.27
C LEU A 140 -33.37 6.78 -43.52
N ASN A 141 -34.22 5.76 -43.59
CA ASN A 141 -35.11 5.58 -44.74
C ASN A 141 -36.03 6.77 -44.89
N PRO A 142 -36.13 7.32 -46.12
CA PRO A 142 -36.82 8.58 -46.45
C PRO A 142 -38.22 8.71 -45.85
N LYS A 143 -39.01 7.65 -45.94
CA LYS A 143 -40.35 7.67 -45.36
C LYS A 143 -40.30 7.89 -43.86
N ASP A 144 -39.47 7.11 -43.19
CA ASP A 144 -39.32 7.16 -41.74
C ASP A 144 -38.16 8.04 -41.28
N PHE A 145 -37.54 8.75 -42.21
CA PHE A 145 -36.34 9.55 -41.91
C PHE A 145 -36.52 10.47 -40.71
N GLY A 146 -35.56 10.42 -39.79
CA GLY A 146 -35.62 11.19 -38.57
C GLY A 146 -36.41 10.49 -37.48
N LEU A 147 -36.41 9.16 -37.51
CA LEU A 147 -37.13 8.38 -36.51
C LEU A 147 -36.20 7.83 -35.44
N LEU A 148 -36.33 8.35 -34.22
CA LEU A 148 -35.56 7.85 -33.09
C LEU A 148 -36.22 6.59 -32.56
N ILE A 149 -35.46 5.50 -32.59
CA ILE A 149 -35.93 4.20 -32.14
C ILE A 149 -35.19 3.80 -30.87
N ASP A 150 -35.91 3.83 -29.76
CA ASP A 150 -35.36 3.44 -28.47
C ASP A 150 -36.27 2.43 -27.77
N PHE A 151 -35.81 1.18 -27.70
CA PHE A 151 -36.56 0.14 -27.02
C PHE A 151 -36.31 0.16 -25.51
N PHE A 152 -35.06 0.39 -25.14
CA PHE A 152 -34.58 0.11 -23.78
C PHE A 152 -34.55 1.33 -22.85
N GLY A 153 -35.05 2.46 -23.33
CA GLY A 153 -35.16 3.65 -22.49
C GLY A 153 -33.89 4.47 -22.38
N GLY A 154 -33.06 4.42 -23.43
CA GLY A 154 -31.83 5.19 -23.46
C GLY A 154 -32.07 6.69 -23.45
N TYR A 155 -33.23 7.10 -23.94
CA TYR A 155 -33.60 8.51 -23.96
C TYR A 155 -33.85 9.01 -22.53
N ARG A 156 -34.65 8.24 -21.79
CA ARG A 156 -34.95 8.54 -20.40
C ARG A 156 -33.67 8.57 -19.58
N ASP A 157 -32.78 7.62 -19.85
CA ASP A 157 -31.50 7.55 -19.15
C ASP A 157 -30.57 8.68 -19.58
N LEU A 158 -30.82 9.24 -20.77
CA LEU A 158 -30.03 10.36 -21.25
C LEU A 158 -30.46 11.65 -20.56
N LYS A 159 -31.77 11.78 -20.35
CA LYS A 159 -32.30 12.95 -19.65
C LYS A 159 -31.93 12.92 -18.16
N GLU A 160 -32.01 11.73 -17.57
CA GLU A 160 -31.74 11.57 -16.15
C GLU A 160 -30.26 11.34 -15.86
N GLY A 161 -29.47 11.18 -16.92
CA GLY A 161 -28.04 10.98 -16.78
C GLY A 161 -27.69 9.65 -16.12
N VAL A 162 -28.19 8.56 -16.69
CA VAL A 162 -28.02 7.23 -16.11
C VAL A 162 -27.23 6.29 -17.00
N ILE A 163 -26.20 5.68 -16.44
CA ILE A 163 -25.48 4.61 -17.11
C ILE A 163 -26.08 3.27 -16.72
N ARG A 164 -26.67 2.58 -17.69
CA ARG A 164 -27.39 1.34 -17.41
C ARG A 164 -27.09 0.27 -18.46
N VAL A 165 -26.69 -0.91 -18.00
CA VAL A 165 -26.44 -2.02 -18.90
C VAL A 165 -27.75 -2.62 -19.39
N LEU A 166 -27.67 -3.34 -20.51
CA LEU A 166 -28.85 -3.90 -21.15
C LEU A 166 -29.40 -5.11 -20.41
N HIS A 167 -28.52 -6.01 -20.02
CA HIS A 167 -28.92 -7.23 -19.32
C HIS A 167 -27.92 -7.58 -18.21
N THR A 168 -28.21 -8.67 -17.49
CA THR A 168 -27.38 -9.04 -16.34
C THR A 168 -26.03 -9.62 -16.75
N LEU A 169 -25.95 -10.15 -17.96
CA LEU A 169 -24.72 -10.77 -18.44
C LEU A 169 -23.85 -9.78 -19.23
N SER A 170 -24.27 -8.51 -19.24
CA SER A 170 -23.57 -7.47 -19.98
C SER A 170 -22.08 -7.39 -19.67
N PHE A 171 -21.74 -7.43 -18.39
CA PHE A 171 -20.36 -7.34 -17.96
C PHE A 171 -19.62 -8.66 -18.18
N VAL A 172 -20.38 -9.74 -18.31
CA VAL A 172 -19.80 -11.06 -18.56
C VAL A 172 -19.33 -11.18 -20.02
N ASP A 173 -20.16 -10.68 -20.94
CA ASP A 173 -19.85 -10.74 -22.36
C ASP A 173 -18.65 -9.89 -22.73
N ASP A 174 -18.62 -8.65 -22.23
CA ASP A 174 -17.52 -7.74 -22.49
C ASP A 174 -17.11 -6.99 -21.24
N PRO A 175 -16.24 -7.61 -20.42
CA PRO A 175 -15.75 -7.03 -19.15
C PRO A 175 -15.06 -5.69 -19.33
N THR A 176 -14.64 -5.38 -20.54
CA THR A 176 -14.02 -4.08 -20.83
C THR A 176 -14.96 -2.94 -20.46
N ARG A 177 -16.26 -3.20 -20.58
CA ARG A 177 -17.29 -2.23 -20.21
C ARG A 177 -17.14 -1.75 -18.78
N ILE A 178 -16.64 -2.63 -17.90
CA ILE A 178 -16.38 -2.26 -16.50
C ILE A 178 -15.59 -0.96 -16.42
N LEU A 179 -14.59 -0.82 -17.27
CA LEU A 179 -13.84 0.43 -17.32
C LEU A 179 -14.64 1.49 -18.05
N ARG A 180 -15.19 1.13 -19.20
CA ARG A 180 -15.85 2.08 -20.09
C ARG A 180 -16.98 2.81 -19.36
N ALA A 181 -17.75 2.06 -18.60
CA ALA A 181 -18.82 2.63 -17.79
C ALA A 181 -18.30 3.80 -16.97
N ILE A 182 -17.23 3.53 -16.22
CA ILE A 182 -16.62 4.56 -15.39
C ILE A 182 -16.23 5.75 -16.25
N ARG A 183 -15.62 5.47 -17.39
CA ARG A 183 -15.20 6.54 -18.30
C ARG A 183 -16.41 7.39 -18.69
N PHE A 184 -17.52 6.74 -19.00
CA PHE A 184 -18.71 7.46 -19.40
C PHE A 184 -19.17 8.33 -18.25
N GLU A 185 -19.10 7.77 -17.03
CA GLU A 185 -19.47 8.53 -15.84
C GLU A 185 -18.67 9.83 -15.79
N GLN A 186 -17.42 9.77 -16.20
CA GLN A 186 -16.57 10.96 -16.18
C GLN A 186 -16.57 11.71 -17.51
N ARG A 187 -17.08 11.09 -18.57
CA ARG A 187 -17.11 11.76 -19.86
C ARG A 187 -18.12 12.89 -19.84
N PHE A 188 -19.35 12.52 -19.48
CA PHE A 188 -20.38 13.47 -19.14
C PHE A 188 -20.39 13.55 -17.63
N ASP A 189 -21.37 14.21 -17.03
CA ASP A 189 -21.57 13.99 -15.61
C ASP A 189 -22.77 13.07 -15.45
N PHE A 190 -22.48 11.80 -15.18
CA PHE A 190 -23.48 10.74 -15.17
C PHE A 190 -23.27 9.85 -13.96
N ARG A 191 -24.27 9.03 -13.66
CA ARG A 191 -24.17 8.11 -12.54
C ARG A 191 -24.59 6.69 -12.94
N ILE A 192 -23.83 5.71 -12.47
CA ILE A 192 -24.17 4.31 -12.69
C ILE A 192 -25.25 3.89 -11.71
N GLU A 193 -26.40 3.47 -12.23
CA GLU A 193 -27.52 3.11 -11.36
C GLU A 193 -27.22 1.85 -10.58
N GLU A 194 -27.98 1.64 -9.52
CA GLU A 194 -27.74 0.58 -8.53
C GLU A 194 -27.45 -0.79 -9.13
N THR A 195 -28.42 -1.34 -9.85
CA THR A 195 -28.34 -2.71 -10.39
C THR A 195 -27.07 -2.99 -11.20
N THR A 196 -26.75 -2.10 -12.14
CA THR A 196 -25.55 -2.30 -12.95
C THR A 196 -24.28 -2.06 -12.15
N GLU A 197 -24.38 -1.34 -11.04
CA GLU A 197 -23.23 -1.18 -10.15
C GLU A 197 -22.98 -2.48 -9.40
N ARG A 198 -24.06 -3.11 -8.96
CA ARG A 198 -23.96 -4.44 -8.34
C ARG A 198 -23.38 -5.43 -9.33
N LEU A 199 -23.87 -5.38 -10.57
CA LEU A 199 -23.42 -6.28 -11.63
C LEU A 199 -21.94 -6.05 -11.93
N LEU A 200 -21.52 -4.79 -11.86
CA LEU A 200 -20.14 -4.43 -12.08
C LEU A 200 -19.25 -4.99 -10.98
N LYS A 201 -19.64 -4.77 -9.72
CA LYS A 201 -18.89 -5.28 -8.59
C LYS A 201 -18.77 -6.80 -8.65
N GLN A 202 -19.88 -7.46 -8.94
CA GLN A 202 -19.89 -8.91 -9.07
C GLN A 202 -18.97 -9.36 -10.20
N ALA A 203 -18.99 -8.63 -11.31
CA ALA A 203 -18.16 -8.97 -12.45
C ALA A 203 -16.69 -8.88 -12.10
N VAL A 204 -16.32 -7.82 -11.38
CA VAL A 204 -14.93 -7.62 -10.98
C VAL A 204 -14.48 -8.68 -9.97
N GLU A 205 -15.30 -8.94 -8.97
CA GLU A 205 -14.92 -9.86 -7.89
C GLU A 205 -14.88 -11.31 -8.37
N GLU A 206 -15.54 -11.61 -9.48
CA GLU A 206 -15.55 -12.96 -10.01
C GLU A 206 -14.40 -13.19 -10.97
N GLY A 207 -13.56 -12.17 -11.14
CA GLY A 207 -12.36 -12.28 -11.94
C GLY A 207 -12.58 -12.33 -13.44
N TYR A 208 -13.61 -11.65 -13.91
CA TYR A 208 -13.87 -11.55 -15.34
C TYR A 208 -12.93 -10.52 -15.97
N LEU A 209 -12.36 -9.68 -15.14
CA LEU A 209 -11.47 -8.61 -15.58
C LEU A 209 -10.12 -9.16 -16.05
N GLU A 210 -9.68 -10.22 -15.40
CA GLU A 210 -8.39 -10.84 -15.72
C GLU A 210 -8.48 -11.74 -16.96
N ARG A 211 -9.68 -12.23 -17.24
CA ARG A 211 -9.90 -13.12 -18.38
C ARG A 211 -9.67 -12.41 -19.71
N THR A 212 -10.03 -11.13 -19.77
CA THR A 212 -9.91 -10.37 -21.01
C THR A 212 -8.47 -10.04 -21.35
N THR A 213 -8.23 -9.75 -22.62
CA THR A 213 -6.88 -9.44 -23.11
C THR A 213 -6.38 -8.12 -22.54
N GLY A 214 -5.07 -8.03 -22.37
CA GLY A 214 -4.44 -6.82 -21.87
C GLY A 214 -4.63 -5.55 -22.68
N PRO A 215 -4.27 -5.57 -23.98
CA PRO A 215 -4.35 -4.40 -24.86
C PRO A 215 -5.68 -3.65 -24.83
N ARG A 216 -6.81 -4.35 -24.80
CA ARG A 216 -8.11 -3.68 -24.77
C ARG A 216 -8.28 -2.90 -23.47
N LEU A 217 -7.98 -3.54 -22.35
CA LEU A 217 -8.07 -2.90 -21.05
C LEU A 217 -7.14 -1.69 -20.98
N ARG A 218 -5.95 -1.84 -21.54
CA ARG A 218 -5.00 -0.73 -21.60
C ARG A 218 -5.56 0.42 -22.44
N GLN A 219 -6.24 0.07 -23.54
CA GLN A 219 -6.83 1.07 -24.42
C GLN A 219 -7.90 1.87 -23.68
N GLU A 220 -8.82 1.17 -23.03
CA GLU A 220 -9.87 1.82 -22.27
C GLU A 220 -9.29 2.64 -21.11
N LEU A 221 -8.19 2.17 -20.55
CA LEU A 221 -7.50 2.90 -19.48
C LEU A 221 -6.95 4.22 -20.01
N GLU A 222 -6.30 4.15 -21.16
CA GLU A 222 -5.73 5.33 -21.79
C GLU A 222 -6.83 6.33 -22.13
N LYS A 223 -7.97 5.82 -22.59
CA LYS A 223 -9.11 6.69 -22.89
C LYS A 223 -9.65 7.32 -21.60
N ILE A 224 -9.63 6.56 -20.52
CA ILE A 224 -10.08 7.04 -19.22
C ILE A 224 -9.20 8.19 -18.72
N LEU A 225 -7.89 8.03 -18.89
CA LEU A 225 -6.94 9.02 -18.38
C LEU A 225 -6.93 10.29 -19.22
N GLU A 226 -7.50 10.23 -20.41
CA GLU A 226 -7.56 11.41 -21.28
C GLU A 226 -8.87 12.17 -21.14
N GLU A 227 -9.76 11.65 -20.29
CA GLU A 227 -11.03 12.33 -20.01
C GLU A 227 -10.80 13.52 -19.07
N LYS A 228 -11.87 14.17 -18.66
CA LYS A 228 -11.75 15.45 -17.95
C LYS A 228 -11.33 15.33 -16.48
N ASN A 229 -11.85 14.33 -15.76
CA ASN A 229 -11.50 14.14 -14.35
C ASN A 229 -10.89 12.79 -14.06
N PRO A 230 -9.57 12.65 -14.31
CA PRO A 230 -8.85 11.39 -14.12
C PRO A 230 -8.86 10.93 -12.67
N LEU A 231 -8.68 11.85 -11.74
CA LEU A 231 -8.63 11.52 -10.31
C LEU A 231 -9.88 10.79 -9.86
N LYS A 232 -11.04 11.35 -10.22
CA LYS A 232 -12.32 10.74 -9.86
C LYS A 232 -12.46 9.36 -10.49
N SER A 233 -11.87 9.18 -11.67
CA SER A 233 -11.91 7.90 -12.35
C SER A 233 -11.08 6.86 -11.58
N ILE A 234 -9.86 7.24 -11.23
CA ILE A 234 -8.96 6.36 -10.48
C ILE A 234 -9.57 5.97 -9.15
N ARG A 235 -10.14 6.95 -8.44
CA ARG A 235 -10.81 6.70 -7.17
C ARG A 235 -12.06 5.83 -7.36
N ARG A 236 -12.70 5.96 -8.51
CA ARG A 236 -13.89 5.16 -8.82
C ARG A 236 -13.51 3.70 -9.05
N MET A 237 -12.40 3.49 -9.76
CA MET A 237 -11.89 2.14 -9.97
C MET A 237 -11.40 1.57 -8.65
N ALA A 238 -10.92 2.43 -7.77
CA ALA A 238 -10.48 2.03 -6.44
C ALA A 238 -11.67 1.55 -5.61
N GLN A 239 -12.79 2.25 -5.69
CA GLN A 239 -14.00 1.86 -4.97
C GLN A 239 -14.45 0.46 -5.36
N PHE A 240 -14.28 0.13 -6.63
CA PHE A 240 -14.77 -1.14 -7.16
C PHE A 240 -13.69 -2.23 -7.13
N ASP A 241 -12.54 -1.89 -6.56
CA ASP A 241 -11.40 -2.81 -6.46
C ASP A 241 -10.94 -3.25 -7.85
N VAL A 242 -11.00 -2.34 -8.81
CA VAL A 242 -10.59 -2.61 -10.17
C VAL A 242 -9.07 -2.60 -10.31
N ILE A 243 -8.43 -1.68 -9.59
CA ILE A 243 -6.99 -1.44 -9.71
C ILE A 243 -6.14 -2.68 -9.40
N LYS A 244 -6.51 -3.40 -8.34
CA LYS A 244 -5.73 -4.56 -7.93
C LYS A 244 -5.98 -5.75 -8.85
N HIS A 245 -7.15 -5.78 -9.50
CA HIS A 245 -7.44 -6.84 -10.45
C HIS A 245 -6.76 -6.57 -11.80
N LEU A 246 -6.54 -5.30 -12.12
CA LEU A 246 -5.78 -4.94 -13.30
C LEU A 246 -4.29 -5.16 -13.05
N PHE A 247 -3.83 -4.70 -11.89
CA PHE A 247 -2.42 -4.81 -11.52
C PHE A 247 -2.27 -5.44 -10.13
N PRO A 248 -2.10 -6.77 -10.08
CA PRO A 248 -2.14 -7.61 -8.88
C PRO A 248 -1.33 -7.10 -7.68
N LYS A 249 -0.14 -6.55 -7.94
CA LYS A 249 0.74 -6.12 -6.86
C LYS A 249 0.59 -4.64 -6.50
N THR A 250 -0.37 -3.97 -7.12
CA THR A 250 -0.64 -2.57 -6.78
C THR A 250 -1.76 -2.47 -5.74
N TYR A 251 -1.41 -1.96 -4.57
CA TYR A 251 -2.38 -1.81 -3.48
C TYR A 251 -2.67 -0.34 -3.25
N TYR A 252 -3.94 0.04 -3.35
CA TYR A 252 -4.30 1.45 -3.32
C TYR A 252 -4.61 1.90 -1.89
N THR A 253 -3.69 2.66 -1.32
CA THR A 253 -3.80 3.13 0.05
C THR A 253 -4.15 4.61 0.07
N PRO A 254 -4.34 5.19 1.26
CA PRO A 254 -4.46 6.66 1.28
C PRO A 254 -3.17 7.34 0.84
N SER A 255 -2.04 6.68 1.05
CA SER A 255 -0.74 7.20 0.61
C SER A 255 -0.69 7.27 -0.91
N MET A 256 -1.03 6.17 -1.57
CA MET A 256 -1.04 6.11 -3.02
C MET A 256 -2.10 7.07 -3.59
N ASP A 257 -3.22 7.19 -2.88
CA ASP A 257 -4.27 8.12 -3.28
C ASP A 257 -3.73 9.56 -3.28
N GLU A 258 -3.04 9.93 -2.22
CA GLU A 258 -2.44 11.25 -2.14
C GLU A 258 -1.42 11.45 -3.27
N LYS A 259 -0.66 10.40 -3.55
CA LYS A 259 0.29 10.42 -4.66
C LYS A 259 -0.41 10.70 -5.99
N MET A 260 -1.57 10.08 -6.18
CA MET A 260 -2.35 10.27 -7.40
C MET A 260 -2.91 11.68 -7.48
N GLU A 261 -3.29 12.23 -6.33
CA GLU A 261 -3.81 13.58 -6.26
C GLU A 261 -2.73 14.57 -6.70
N ASN A 262 -1.56 14.47 -6.08
CA ASN A 262 -0.43 15.31 -6.46
C ASN A 262 -0.05 15.12 -7.92
N LEU A 263 -0.12 13.88 -8.38
CA LEU A 263 0.23 13.50 -9.75
C LEU A 263 -0.66 14.23 -10.75
N PHE A 264 -1.97 14.06 -10.61
CA PHE A 264 -2.92 14.69 -11.52
C PHE A 264 -2.96 16.21 -11.36
N ARG A 265 -2.60 16.69 -10.18
CA ARG A 265 -2.52 18.14 -9.96
C ARG A 265 -1.36 18.71 -10.76
N ASN A 266 -0.23 18.00 -10.77
CA ASN A 266 0.99 18.51 -11.38
C ASN A 266 1.17 18.12 -12.85
N ILE A 267 0.33 17.23 -13.37
CA ILE A 267 0.41 16.84 -14.77
C ILE A 267 0.22 18.01 -15.75
N PRO A 268 -0.80 18.88 -15.54
CA PRO A 268 -0.92 19.99 -16.48
C PRO A 268 0.29 20.91 -16.51
N TRP A 269 0.99 21.03 -15.39
CA TRP A 269 2.17 21.88 -15.29
C TRP A 269 3.31 21.31 -16.14
N VAL A 270 3.51 20.00 -16.03
CA VAL A 270 4.55 19.32 -16.80
C VAL A 270 4.22 19.35 -18.29
N GLU A 271 2.94 19.12 -18.61
CA GLU A 271 2.49 19.16 -19.99
C GLU A 271 2.69 20.54 -20.59
N GLU A 272 2.45 21.57 -19.79
CA GLU A 272 2.66 22.94 -20.23
C GLU A 272 4.14 23.25 -20.46
N ASN A 273 4.96 23.04 -19.44
CA ASN A 273 6.37 23.40 -19.52
C ASN A 273 7.26 22.41 -20.27
N PHE A 274 7.13 21.13 -19.97
CA PHE A 274 8.03 20.12 -20.51
C PHE A 274 7.49 19.39 -21.75
N GLY A 275 6.28 19.73 -22.15
CA GLY A 275 5.70 19.15 -23.35
C GLY A 275 4.81 17.97 -23.08
N GLU A 276 4.43 17.26 -24.14
CA GLU A 276 3.48 16.14 -24.05
C GLU A 276 3.92 15.07 -23.07
N VAL A 277 2.98 14.60 -22.27
CA VAL A 277 3.23 13.56 -21.27
C VAL A 277 2.22 12.44 -21.40
N ASP A 278 2.71 11.20 -21.52
CA ASP A 278 1.82 10.05 -21.53
C ASP A 278 1.26 9.87 -20.11
N ARG A 279 -0.06 9.91 -19.99
CA ARG A 279 -0.71 9.80 -18.69
C ARG A 279 -0.79 8.36 -18.22
N PHE A 280 -0.84 7.42 -19.16
CA PHE A 280 -0.88 6.00 -18.85
C PHE A 280 0.38 5.59 -18.09
N TYR A 281 1.53 5.92 -18.66
CA TYR A 281 2.80 5.62 -18.02
C TYR A 281 3.02 6.49 -16.78
N ALA A 282 2.41 7.67 -16.76
CA ALA A 282 2.50 8.55 -15.61
C ALA A 282 1.79 7.93 -14.42
N VAL A 283 0.68 7.25 -14.68
CA VAL A 283 -0.08 6.59 -13.63
C VAL A 283 0.59 5.28 -13.24
N LEU A 284 1.07 4.53 -14.23
CA LEU A 284 1.78 3.28 -13.96
C LEU A 284 3.06 3.53 -13.15
N HIS A 285 3.63 4.71 -13.31
CA HIS A 285 4.81 5.10 -12.54
C HIS A 285 4.53 5.00 -11.04
N VAL A 286 3.39 5.53 -10.63
CA VAL A 286 2.97 5.45 -9.24
C VAL A 286 2.50 4.04 -8.90
N PHE A 287 1.67 3.47 -9.76
CA PHE A 287 1.11 2.13 -9.54
C PHE A 287 2.19 1.07 -9.39
N LEU A 288 3.13 1.04 -10.32
CA LEU A 288 4.07 -0.07 -10.46
C LEU A 288 5.28 0.04 -9.53
N GLU A 289 5.25 1.04 -8.64
CA GLU A 289 6.29 1.20 -7.63
C GLU A 289 6.54 -0.10 -6.87
N PHE A 290 7.82 -0.39 -6.64
CA PHE A 290 8.24 -1.56 -5.86
C PHE A 290 7.68 -2.87 -6.42
N TYR A 291 7.92 -3.09 -7.71
CA TYR A 291 7.55 -4.33 -8.36
C TYR A 291 8.77 -5.23 -8.51
N ASP A 292 8.67 -6.47 -8.03
CA ASP A 292 9.73 -7.44 -8.24
C ASP A 292 9.75 -7.87 -9.69
N ASP A 293 10.89 -8.41 -10.13
CA ASP A 293 11.10 -8.75 -11.54
C ASP A 293 10.01 -9.63 -12.15
N GLU A 294 9.56 -10.63 -11.39
CA GLU A 294 8.53 -11.54 -11.89
C GLU A 294 7.23 -10.81 -12.21
N SER A 295 6.74 -10.05 -11.22
CA SER A 295 5.48 -9.32 -11.37
C SER A 295 5.58 -8.26 -12.46
N TRP A 296 6.71 -7.59 -12.54
CA TRP A 296 6.93 -6.60 -13.59
C TRP A 296 6.93 -7.26 -14.96
N LYS A 297 7.56 -8.42 -15.06
CA LYS A 297 7.57 -9.18 -16.31
C LYS A 297 6.15 -9.54 -16.73
N GLU A 298 5.37 -10.04 -15.78
CA GLU A 298 3.99 -10.42 -16.06
C GLU A 298 3.14 -9.24 -16.52
N VAL A 299 3.20 -8.13 -15.77
CA VAL A 299 2.36 -6.98 -16.07
C VAL A 299 2.83 -6.29 -17.37
N ARG A 300 4.09 -6.47 -17.70
CA ARG A 300 4.64 -5.91 -18.93
C ARG A 300 4.24 -6.77 -20.13
N ASP A 301 4.12 -8.07 -19.90
CA ASP A 301 3.74 -9.00 -20.96
C ASP A 301 2.26 -8.92 -21.27
N ARG A 302 1.42 -8.85 -20.22
CA ARG A 302 -0.02 -8.72 -20.40
C ARG A 302 -0.37 -7.48 -21.21
N TYR A 303 -0.16 -6.31 -20.62
CA TYR A 303 -0.25 -5.06 -21.34
C TYR A 303 1.16 -4.69 -21.78
N SER A 304 1.40 -4.65 -23.08
CA SER A 304 2.74 -4.37 -23.59
C SER A 304 3.23 -3.01 -23.10
N LEU A 305 4.39 -3.00 -22.46
CA LEU A 305 4.95 -1.79 -21.88
C LEU A 305 6.40 -1.62 -22.28
N ARG A 306 6.90 -0.39 -22.14
CA ARG A 306 8.30 -0.11 -22.37
C ARG A 306 9.16 -0.94 -21.43
N ARG A 307 10.22 -1.55 -21.96
CA ARG A 307 11.11 -2.38 -21.15
C ARG A 307 11.95 -1.53 -20.21
N ASN A 308 12.07 -0.24 -20.53
CA ASN A 308 12.87 0.68 -19.74
C ASN A 308 12.05 1.45 -18.71
N LEU A 309 10.75 1.17 -18.66
CA LEU A 309 9.86 1.86 -17.73
C LEU A 309 10.21 1.53 -16.28
N ILE A 310 10.44 0.25 -16.02
CA ILE A 310 10.74 -0.23 -14.67
C ILE A 310 12.03 0.40 -14.16
N ASN A 311 12.95 0.72 -15.06
CA ASN A 311 14.21 1.35 -14.68
C ASN A 311 13.99 2.78 -14.21
N GLU A 312 13.15 3.52 -14.93
CA GLU A 312 12.79 4.87 -14.53
C GLU A 312 12.06 4.86 -13.20
N ILE A 313 11.08 3.96 -13.09
CA ILE A 313 10.30 3.83 -11.85
C ILE A 313 11.19 3.53 -10.66
N ARG A 314 12.12 2.59 -10.85
CA ARG A 314 13.04 2.21 -9.78
C ARG A 314 14.00 3.34 -9.45
N HIS A 315 14.36 4.13 -10.45
CA HIS A 315 15.16 5.34 -10.22
C HIS A 315 14.41 6.31 -9.31
N VAL A 316 13.14 6.53 -9.62
CA VAL A 316 12.31 7.43 -8.82
C VAL A 316 12.17 6.92 -7.40
N GLU A 317 11.84 5.64 -7.24
CA GLU A 317 11.65 5.07 -5.91
C GLU A 317 12.97 5.04 -5.15
N LYS A 318 14.08 5.12 -5.88
CA LYS A 318 15.40 5.20 -5.26
C LYS A 318 15.69 6.61 -4.74
N SER A 319 15.40 7.61 -5.56
CA SER A 319 15.80 8.98 -5.26
C SER A 319 14.72 9.87 -4.62
N ALA A 320 13.53 9.31 -4.38
CA ALA A 320 12.41 10.10 -3.89
C ALA A 320 12.59 10.65 -2.46
N PRO A 321 12.93 9.79 -1.48
CA PRO A 321 13.04 10.36 -0.13
C PRO A 321 14.20 11.34 -0.03
N ALA A 322 15.30 11.04 -0.72
CA ALA A 322 16.44 11.92 -0.78
C ALA A 322 16.03 13.26 -1.36
N LEU A 323 15.15 13.21 -2.36
CA LEU A 323 14.61 14.42 -2.97
C LEU A 323 13.80 15.22 -1.95
N LEU A 324 12.98 14.51 -1.17
CA LEU A 324 12.20 15.14 -0.11
C LEU A 324 13.10 15.88 0.88
N GLU A 325 14.16 15.22 1.34
CA GLU A 325 15.09 15.83 2.27
C GLU A 325 15.84 17.01 1.63
N MET A 326 16.09 16.89 0.33
CA MET A 326 16.78 17.95 -0.40
C MET A 326 15.92 19.22 -0.45
N LEU A 327 14.63 19.04 -0.74
CA LEU A 327 13.71 20.16 -0.82
C LEU A 327 13.39 20.71 0.58
N SER A 328 13.50 19.85 1.58
CA SER A 328 13.23 20.26 2.96
C SER A 328 14.31 21.20 3.49
N GLU A 329 15.56 20.92 3.13
CA GLU A 329 16.70 21.68 3.63
C GLU A 329 17.07 22.86 2.71
N ARG A 330 16.27 23.07 1.68
CA ARG A 330 16.48 24.16 0.72
C ARG A 330 17.84 24.03 0.02
N VAL A 331 18.22 22.79 -0.26
CA VAL A 331 19.49 22.48 -0.91
C VAL A 331 19.56 23.07 -2.33
N PRO A 332 20.72 23.64 -2.70
CA PRO A 332 20.96 24.18 -4.04
C PRO A 332 20.67 23.17 -5.16
N ALA A 333 20.35 23.68 -6.34
CA ALA A 333 19.88 22.86 -7.46
C ALA A 333 20.96 21.93 -8.02
N SER A 334 22.22 22.20 -7.72
CA SER A 334 23.31 21.36 -8.19
C SER A 334 23.20 19.94 -7.67
N PHE A 335 22.70 19.80 -6.45
CA PHE A 335 22.51 18.48 -5.84
C PHE A 335 21.25 17.79 -6.34
N VAL A 336 20.27 18.58 -6.77
CA VAL A 336 19.01 18.02 -7.25
C VAL A 336 19.09 17.70 -8.74
N TYR A 337 20.15 18.17 -9.38
CA TYR A 337 20.35 17.94 -10.81
C TYR A 337 20.50 16.46 -11.24
N PRO A 338 21.36 15.68 -10.55
CA PRO A 338 21.60 14.32 -11.05
C PRO A 338 20.36 13.42 -11.07
N LEU A 339 19.37 13.74 -10.25
CA LEU A 339 18.17 12.92 -10.16
C LEU A 339 17.25 13.12 -11.36
N VAL A 340 17.00 14.37 -11.72
CA VAL A 340 16.10 14.72 -12.81
C VAL A 340 16.82 14.94 -14.14
N LYS A 341 18.13 14.69 -14.14
CA LYS A 341 19.01 15.04 -15.26
C LYS A 341 18.49 14.61 -16.63
N GLY A 342 18.50 13.31 -16.90
CA GLY A 342 18.14 12.81 -18.22
C GLY A 342 16.78 12.12 -18.26
N VAL A 343 15.99 12.31 -17.22
CA VAL A 343 14.73 11.59 -17.06
C VAL A 343 13.62 12.06 -18.00
N SER A 344 12.66 11.17 -18.24
CA SER A 344 11.49 11.47 -19.04
C SER A 344 10.50 12.34 -18.27
N ASN A 345 9.59 12.98 -19.01
CA ASN A 345 8.55 13.81 -18.41
C ASN A 345 7.65 13.02 -17.46
N GLU A 346 7.43 11.75 -17.76
CA GLU A 346 6.65 10.87 -16.91
C GLU A 346 7.33 10.70 -15.55
N THR A 347 8.64 10.52 -15.59
CA THR A 347 9.45 10.42 -14.37
C THR A 347 9.31 11.70 -13.54
N ILE A 348 9.31 12.84 -14.22
CA ILE A 348 9.16 14.14 -13.56
C ILE A 348 7.79 14.24 -12.90
N CYS A 349 6.76 13.76 -13.59
CA CYS A 349 5.42 13.72 -13.03
C CYS A 349 5.40 12.86 -11.78
N HIS A 350 6.11 11.73 -11.85
CA HIS A 350 6.21 10.82 -10.71
C HIS A 350 6.84 11.53 -9.51
N PHE A 351 7.93 12.25 -9.75
CA PHE A 351 8.58 13.03 -8.71
C PHE A 351 7.61 14.05 -8.11
N LEU A 352 6.86 14.71 -8.98
CA LEU A 352 5.91 15.72 -8.54
C LEU A 352 4.75 15.12 -7.76
N ALA A 353 4.53 13.82 -7.95
CA ALA A 353 3.45 13.13 -7.25
C ALA A 353 3.76 12.93 -5.77
N TYR A 354 5.00 13.21 -5.39
CA TYR A 354 5.46 12.97 -4.01
C TYR A 354 5.38 14.20 -3.13
N LEU A 355 4.91 15.32 -3.66
CA LEU A 355 4.98 16.57 -2.91
C LEU A 355 3.91 17.60 -3.28
N SER A 356 3.69 18.55 -2.37
CA SER A 356 2.78 19.67 -2.61
C SER A 356 3.24 20.89 -1.85
N GLY A 357 2.54 22.01 -2.02
CA GLY A 357 2.84 23.25 -1.32
C GLY A 357 4.23 23.82 -1.59
N GLU A 358 4.94 24.12 -0.51
CA GLU A 358 6.26 24.75 -0.60
C GLU A 358 7.26 23.89 -1.36
N LYS A 359 7.23 22.59 -1.10
CA LYS A 359 8.11 21.66 -1.79
C LYS A 359 7.78 21.60 -3.28
N GLU A 360 6.50 21.72 -3.59
CA GLU A 360 6.05 21.74 -4.98
C GLU A 360 6.57 22.97 -5.69
N GLY A 361 6.38 24.14 -5.08
CA GLY A 361 6.86 25.38 -5.66
C GLY A 361 8.37 25.38 -5.84
N LEU A 362 9.07 24.88 -4.84
CA LEU A 362 10.53 24.79 -4.89
C LEU A 362 10.99 23.89 -6.02
N PHE A 363 10.41 22.70 -6.09
CA PHE A 363 10.78 21.72 -7.10
C PHE A 363 10.47 22.22 -8.50
N LYS A 364 9.37 22.96 -8.64
CA LYS A 364 9.01 23.56 -9.92
C LYS A 364 9.99 24.66 -10.30
N SER A 365 10.42 25.44 -9.30
CA SER A 365 11.39 26.50 -9.52
C SER A 365 12.72 25.92 -10.01
N TYR A 366 13.22 24.91 -9.30
CA TYR A 366 14.44 24.24 -9.71
C TYR A 366 14.28 23.58 -11.08
N LEU A 367 13.08 23.07 -11.35
CA LEU A 367 12.79 22.43 -12.63
C LEU A 367 12.92 23.42 -13.78
N LEU A 368 12.31 24.59 -13.63
CA LEU A 368 12.40 25.64 -14.63
C LEU A 368 13.82 26.19 -14.73
N LYS A 369 14.56 26.13 -13.62
CA LYS A 369 15.94 26.59 -13.61
C LYS A 369 16.85 25.63 -14.38
N ILE A 370 16.55 24.34 -14.31
CA ILE A 370 17.31 23.33 -15.02
C ILE A 370 16.94 23.28 -16.50
N LYS A 371 15.65 23.44 -16.78
CA LYS A 371 15.15 23.52 -18.16
C LYS A 371 15.88 24.60 -18.94
N ASN A 372 15.94 25.80 -18.37
CA ASN A 372 16.72 26.89 -18.93
C ASN A 372 18.15 26.80 -18.42
N THR A 373 18.94 27.84 -18.68
CA THR A 373 20.34 27.91 -18.23
C THR A 373 21.13 26.71 -18.74
N LYS A 374 21.40 26.67 -20.05
CA LYS A 374 22.09 25.54 -20.65
C LYS A 374 23.57 25.83 -20.90
N LEU A 375 23.86 26.62 -21.94
CA LEU A 375 25.24 26.96 -22.28
C LEU A 375 25.31 28.24 -23.10
N GLU A 376 26.50 28.82 -23.14
CA GLU A 376 26.75 30.02 -23.93
C GLU A 376 27.88 29.76 -24.93
N LYS A 377 29.05 29.41 -24.42
CA LYS A 377 30.25 29.21 -25.21
C LYS A 377 31.10 28.11 -24.61
N ILE A 378 32.37 28.04 -25.02
CA ILE A 378 33.30 27.00 -24.59
C ILE A 378 32.84 25.61 -25.05
N ASN A 379 32.53 24.75 -24.09
CA ASN A 379 32.30 23.31 -24.25
C ASN A 379 33.39 22.59 -25.06
N GLY A 380 32.99 21.62 -25.87
CA GLY A 380 33.94 20.66 -26.42
C GLY A 380 34.95 21.19 -27.42
N GLU A 381 34.47 21.80 -28.49
CA GLU A 381 35.33 22.24 -29.58
C GLU A 381 36.28 23.33 -29.12
N TYR A 382 35.83 24.15 -28.16
CA TYR A 382 36.65 25.20 -27.61
C TYR A 382 37.65 24.65 -26.59
N LEU A 383 37.26 23.61 -25.86
CA LEU A 383 38.17 22.97 -24.93
C LEU A 383 39.26 22.22 -25.68
N ILE A 384 38.98 21.85 -26.93
CA ILE A 384 39.99 21.28 -27.81
C ILE A 384 41.08 22.32 -28.09
N ARG A 385 40.65 23.58 -28.22
CA ARG A 385 41.58 24.68 -28.50
C ARG A 385 42.44 25.02 -27.28
N LYS A 386 42.10 24.42 -26.14
CA LYS A 386 42.81 24.71 -24.89
C LYS A 386 43.60 23.50 -24.41
N GLY A 387 44.20 23.64 -23.23
CA GLY A 387 45.10 22.63 -22.68
C GLY A 387 44.59 21.21 -22.60
N ILE A 388 43.29 21.04 -22.34
CA ILE A 388 42.75 19.69 -22.17
C ILE A 388 42.34 19.11 -23.52
N THR A 389 41.95 17.83 -23.52
CA THR A 389 41.61 17.07 -24.73
C THR A 389 41.24 15.63 -24.38
N SER A 390 40.90 14.86 -25.40
CA SER A 390 40.79 13.40 -25.30
C SER A 390 39.75 12.86 -24.32
N GLY A 391 38.47 13.00 -24.67
CA GLY A 391 37.43 12.24 -24.02
C GLY A 391 36.78 12.78 -22.75
N LYS A 392 36.43 11.85 -21.86
CA LYS A 392 35.54 12.09 -20.73
C LYS A 392 35.85 13.32 -19.88
N ILE A 393 37.13 13.59 -19.69
CA ILE A 393 37.59 14.69 -18.83
C ILE A 393 36.92 16.02 -19.16
N ILE A 394 36.90 16.39 -20.43
CA ILE A 394 36.34 17.67 -20.84
C ILE A 394 34.83 17.72 -20.58
N GLY A 395 34.15 16.59 -20.74
CA GLY A 395 32.72 16.51 -20.48
C GLY A 395 32.46 16.71 -19.00
N GLU A 396 33.32 16.09 -18.18
CA GLU A 396 33.26 16.30 -16.74
C GLU A 396 33.38 17.78 -16.42
N VAL A 397 34.38 18.43 -17.02
CA VAL A 397 34.58 19.86 -16.84
C VAL A 397 33.32 20.65 -17.21
N LEU A 398 32.70 20.26 -18.31
CA LEU A 398 31.43 20.85 -18.74
C LEU A 398 30.38 20.76 -17.64
N GLU A 399 30.24 19.57 -17.07
CA GLU A 399 29.27 19.37 -16.00
C GLU A 399 29.63 20.21 -14.78
N LYS A 400 30.93 20.44 -14.57
CA LYS A 400 31.39 21.27 -13.47
C LYS A 400 30.96 22.73 -13.64
N ILE A 401 31.24 23.30 -14.81
CA ILE A 401 30.86 24.69 -15.08
C ILE A 401 29.34 24.84 -15.10
N LEU A 402 28.65 23.77 -15.49
CA LEU A 402 27.18 23.78 -15.48
C LEU A 402 26.68 23.82 -14.05
N MET A 403 27.32 23.05 -13.19
CA MET A 403 26.97 23.00 -11.77
C MET A 403 27.23 24.32 -11.06
N LYS A 404 28.37 24.93 -11.36
CA LYS A 404 28.69 26.25 -10.80
C LYS A 404 27.71 27.30 -11.31
N LYS A 405 27.21 27.09 -12.53
CA LYS A 405 26.22 28.01 -13.10
C LYS A 405 24.84 27.80 -12.48
N LEU A 406 24.56 26.59 -12.00
CA LEU A 406 23.28 26.28 -11.38
C LEU A 406 23.25 26.58 -9.88
N ASP A 407 24.41 26.89 -9.32
CA ASP A 407 24.52 27.17 -7.89
C ASP A 407 24.19 28.63 -7.58
N GLY A 408 23.87 29.39 -8.61
CA GLY A 408 23.51 30.79 -8.45
C GLY A 408 24.60 31.75 -8.87
N ASP A 409 25.81 31.22 -9.05
CA ASP A 409 26.92 32.06 -9.47
C ASP A 409 27.09 31.99 -10.99
N THR A 410 26.73 33.08 -11.67
CA THR A 410 26.97 33.21 -13.10
C THR A 410 27.47 34.60 -13.45
N ARG A 411 28.69 34.70 -13.96
CA ARG A 411 29.14 35.96 -14.54
C ARG A 411 29.59 35.77 -15.98
N ASP A 412 30.80 35.28 -16.17
CA ASP A 412 31.26 34.94 -17.52
C ASP A 412 32.16 33.72 -17.59
N GLU A 413 31.73 32.70 -18.35
CA GLU A 413 32.63 31.84 -19.11
C GLU A 413 33.91 31.35 -18.41
N GLU A 414 35.03 31.74 -19.01
CA GLU A 414 36.36 31.30 -18.63
C GLU A 414 36.77 31.66 -17.20
N GLU A 415 36.00 32.52 -16.53
CA GLU A 415 36.25 32.79 -15.13
C GLU A 415 35.88 31.57 -14.30
N ILE A 416 34.65 31.11 -14.48
CA ILE A 416 34.18 29.89 -13.84
C ILE A 416 34.99 28.70 -14.36
N LEU A 417 35.32 28.73 -15.64
CA LEU A 417 36.17 27.68 -16.23
C LEU A 417 37.51 27.60 -15.49
N GLU A 418 38.11 28.75 -15.23
CA GLU A 418 39.40 28.80 -14.55
C GLU A 418 39.27 28.37 -13.09
N GLU A 419 38.14 28.70 -12.47
CA GLU A 419 37.88 28.21 -11.12
C GLU A 419 37.84 26.70 -11.10
N VAL A 420 37.13 26.11 -12.06
CA VAL A 420 37.03 24.66 -12.19
C VAL A 420 38.39 24.02 -12.42
N LEU A 421 39.13 24.55 -13.38
CA LEU A 421 40.46 24.03 -13.70
C LEU A 421 41.41 24.13 -12.50
N ALA A 422 41.24 25.19 -11.71
CA ALA A 422 42.03 25.38 -10.49
C ALA A 422 41.61 24.36 -9.43
N SER A 423 40.34 23.96 -9.46
CA SER A 423 39.85 22.97 -8.52
C SER A 423 40.20 21.55 -8.95
N LEU A 424 40.57 21.39 -10.21
CA LEU A 424 40.95 20.09 -10.75
C LEU A 424 42.36 19.71 -10.30
N GLU A 425 43.14 20.72 -9.91
CA GLU A 425 44.50 20.49 -9.43
C GLU A 425 44.48 19.98 -7.99
N MET B 1 -22.76 -27.69 35.26
CA MET B 1 -21.31 -27.47 35.21
C MET B 1 -20.73 -27.46 36.61
N GLN B 2 -19.57 -28.10 36.77
CA GLN B 2 -18.93 -28.20 38.08
C GLN B 2 -18.17 -26.92 38.43
N ILE B 3 -18.54 -26.33 39.56
CA ILE B 3 -17.90 -25.11 40.03
C ILE B 3 -16.67 -25.40 40.88
N PHE B 4 -16.89 -26.04 42.02
CA PHE B 4 -15.83 -26.28 43.00
C PHE B 4 -15.09 -27.60 42.75
N ARG B 5 -13.77 -27.56 42.91
CA ARG B 5 -12.94 -28.74 42.72
C ARG B 5 -11.85 -28.78 43.79
N ASP B 6 -11.14 -29.89 43.92
CA ASP B 6 -10.05 -29.97 44.88
C ASP B 6 -8.69 -30.10 44.19
N VAL B 7 -7.92 -29.03 44.19
CA VAL B 7 -6.61 -28.99 43.55
C VAL B 7 -5.45 -29.18 44.53
N SER B 8 -5.76 -29.46 45.79
CA SER B 8 -4.76 -29.53 46.85
C SER B 8 -3.53 -30.38 46.52
N LYS B 9 -3.74 -31.51 45.85
CA LYS B 9 -2.62 -32.36 45.46
C LYS B 9 -1.76 -31.67 44.41
N LEU B 10 -2.40 -31.00 43.46
CA LEU B 10 -1.68 -30.19 42.47
C LEU B 10 -0.88 -29.10 43.16
N LEU B 11 -1.50 -28.49 44.16
CA LEU B 11 -0.84 -27.48 44.98
C LEU B 11 0.45 -28.02 45.60
N VAL B 12 0.33 -29.05 46.44
CA VAL B 12 1.48 -29.55 47.16
C VAL B 12 2.56 -30.11 46.23
N GLU B 13 2.15 -30.76 45.13
CA GLU B 13 3.12 -31.37 44.23
C GLU B 13 3.84 -30.37 43.32
N ARG B 14 3.07 -29.52 42.65
CA ARG B 14 3.61 -28.62 41.63
C ARG B 14 4.21 -27.32 42.16
N VAL B 15 3.54 -26.69 43.13
CA VAL B 15 3.94 -25.36 43.61
C VAL B 15 5.24 -25.40 44.39
N ASP B 16 6.10 -24.39 44.14
CA ASP B 16 7.36 -24.23 44.86
C ASP B 16 7.13 -24.17 46.38
N PRO B 17 7.93 -24.93 47.14
CA PRO B 17 7.79 -25.07 48.59
C PRO B 17 7.76 -23.74 49.36
N LYS B 18 8.54 -22.76 48.92
CA LYS B 18 8.54 -21.46 49.58
C LYS B 18 7.20 -20.75 49.39
N ILE B 19 6.76 -20.71 48.14
CA ILE B 19 5.47 -20.12 47.80
C ILE B 19 4.34 -20.87 48.48
N LEU B 20 4.49 -22.19 48.56
CA LEU B 20 3.50 -23.04 49.21
C LEU B 20 3.38 -22.70 50.70
N ASN B 21 4.51 -22.62 51.38
CA ASN B 21 4.54 -22.22 52.79
C ASN B 21 3.90 -20.85 52.96
N LEU B 22 4.18 -19.96 52.02
CA LEU B 22 3.59 -18.63 52.03
C LEU B 22 2.06 -18.72 51.93
N PHE B 23 1.57 -19.63 51.10
CA PHE B 23 0.14 -19.86 50.95
C PHE B 23 -0.48 -20.38 52.24
N ARG B 24 0.16 -21.38 52.83
CA ARG B 24 -0.31 -21.96 54.09
C ARG B 24 -0.40 -20.90 55.18
N LEU B 25 0.68 -20.15 55.36
CA LEU B 25 0.72 -19.08 56.34
C LEU B 25 -0.35 -18.02 56.07
N LEU B 26 -0.54 -17.64 54.81
CA LEU B 26 -1.53 -16.63 54.47
C LEU B 26 -2.94 -17.11 54.78
N GLY B 27 -3.24 -18.35 54.43
CA GLY B 27 -4.53 -18.94 54.73
C GLY B 27 -4.78 -18.99 56.22
N LYS B 28 -3.75 -19.40 56.97
CA LYS B 28 -3.84 -19.47 58.42
C LYS B 28 -4.11 -18.08 59.02
N PHE B 29 -3.41 -17.08 58.52
CA PHE B 29 -3.64 -15.69 58.91
C PHE B 29 -5.10 -15.36 58.66
N GLY B 30 -5.61 -15.81 57.53
CA GLY B 30 -7.00 -15.60 57.17
C GLY B 30 -7.94 -16.17 58.21
N ASP B 31 -7.71 -17.41 58.61
CA ASP B 31 -8.51 -18.04 59.65
C ASP B 31 -8.42 -17.28 60.97
N GLU B 32 -7.25 -16.69 61.24
CA GLU B 32 -7.05 -15.94 62.47
C GLU B 32 -7.80 -14.60 62.48
N VAL B 33 -7.87 -13.95 61.31
CA VAL B 33 -8.57 -12.68 61.20
C VAL B 33 -10.01 -12.85 60.69
N ASN B 34 -10.43 -14.10 60.52
CA ASN B 34 -11.77 -14.43 60.03
C ASN B 34 -12.05 -13.89 58.63
N MET B 35 -11.00 -13.74 57.83
CA MET B 35 -11.14 -13.33 56.44
C MET B 35 -10.88 -14.48 55.48
N PRO B 36 -11.82 -14.75 54.58
CA PRO B 36 -11.56 -15.72 53.51
C PRO B 36 -10.39 -15.26 52.65
N VAL B 37 -9.51 -16.19 52.28
CA VAL B 37 -8.31 -15.85 51.53
C VAL B 37 -8.19 -16.70 50.27
N TYR B 38 -7.95 -16.04 49.14
CA TYR B 38 -7.83 -16.72 47.86
C TYR B 38 -6.57 -16.29 47.12
N VAL B 39 -6.06 -17.16 46.26
CA VAL B 39 -5.03 -16.78 45.31
C VAL B 39 -5.68 -16.80 43.92
N VAL B 40 -5.47 -15.72 43.16
CA VAL B 40 -6.25 -15.51 41.95
C VAL B 40 -5.40 -15.22 40.72
N GLY B 41 -6.03 -15.35 39.55
CA GLY B 41 -5.41 -14.93 38.30
C GLY B 41 -4.51 -15.94 37.63
N GLY B 42 -3.53 -15.42 36.91
CA GLY B 42 -2.64 -16.21 36.08
C GLY B 42 -2.02 -17.39 36.80
N PHE B 43 -1.62 -17.17 38.04
CA PHE B 43 -1.00 -18.21 38.85
C PHE B 43 -1.86 -19.47 38.88
N VAL B 44 -3.16 -19.29 39.05
CA VAL B 44 -4.07 -20.42 39.04
C VAL B 44 -4.02 -21.11 37.69
N ARG B 45 -4.18 -20.31 36.63
CA ARG B 45 -4.14 -20.79 35.26
C ARG B 45 -2.91 -21.67 35.03
N ASP B 46 -1.73 -21.06 35.15
CA ASP B 46 -0.47 -21.77 35.00
C ASP B 46 -0.38 -23.01 35.87
N LEU B 47 -0.97 -22.94 37.06
CA LEU B 47 -0.93 -24.08 37.97
C LEU B 47 -1.62 -25.28 37.34
N LEU B 48 -2.75 -25.04 36.68
CA LEU B 48 -3.46 -26.12 36.01
C LEU B 48 -2.75 -26.52 34.72
N LEU B 49 -1.91 -25.62 34.20
CA LEU B 49 -1.17 -25.92 32.99
C LEU B 49 0.24 -26.41 33.28
N GLY B 50 0.60 -26.45 34.56
CA GLY B 50 1.93 -26.87 34.96
C GLY B 50 3.01 -25.92 34.49
N ILE B 51 2.75 -24.62 34.61
CA ILE B 51 3.69 -23.59 34.17
C ILE B 51 4.17 -22.76 35.36
N LYS B 52 5.44 -22.37 35.34
CA LYS B 52 6.02 -21.59 36.41
C LYS B 52 5.45 -20.17 36.47
N ASN B 53 4.95 -19.80 37.64
CA ASN B 53 4.39 -18.47 37.84
C ASN B 53 4.92 -17.85 39.15
N LEU B 54 5.70 -16.78 39.03
CA LEU B 54 6.35 -16.18 40.19
C LEU B 54 5.46 -15.23 40.99
N ASP B 55 4.70 -14.38 40.32
CA ASP B 55 3.94 -13.36 41.02
C ASP B 55 2.64 -13.92 41.59
N ILE B 56 2.36 -13.58 42.84
CA ILE B 56 1.19 -14.10 43.53
C ILE B 56 0.22 -13.00 43.91
N ASP B 57 -1.02 -13.12 43.45
CA ASP B 57 -2.06 -12.14 43.75
C ASP B 57 -3.09 -12.72 44.71
N ILE B 58 -3.12 -12.19 45.93
CA ILE B 58 -4.03 -12.66 46.96
C ILE B 58 -5.26 -11.76 47.06
N VAL B 59 -6.44 -12.37 47.08
CA VAL B 59 -7.69 -11.64 47.25
C VAL B 59 -8.41 -12.12 48.51
N VAL B 60 -8.69 -11.17 49.42
CA VAL B 60 -9.36 -11.51 50.66
C VAL B 60 -10.70 -10.81 50.77
N GLU B 61 -11.63 -11.43 51.48
CA GLU B 61 -12.90 -10.79 51.80
C GLU B 61 -12.78 -10.15 53.17
N GLY B 62 -12.72 -8.82 53.19
CA GLY B 62 -12.41 -8.09 54.41
C GLY B 62 -11.62 -6.86 54.04
N ASN B 63 -10.93 -6.28 55.01
CA ASN B 63 -10.04 -5.17 54.72
C ASN B 63 -8.64 -5.69 54.43
N ALA B 64 -8.20 -5.58 53.18
CA ALA B 64 -6.90 -6.12 52.79
C ALA B 64 -5.76 -5.34 53.41
N LEU B 65 -6.01 -4.07 53.75
CA LEU B 65 -4.99 -3.27 54.42
C LEU B 65 -4.73 -3.85 55.81
N GLU B 66 -5.80 -4.23 56.50
CA GLU B 66 -5.69 -4.81 57.83
C GLU B 66 -5.02 -6.18 57.78
N PHE B 67 -5.43 -6.99 56.80
CA PHE B 67 -4.82 -8.31 56.59
C PHE B 67 -3.34 -8.19 56.31
N ALA B 68 -2.97 -7.25 55.44
CA ALA B 68 -1.57 -7.01 55.10
C ALA B 68 -0.79 -6.58 56.32
N GLU B 69 -1.36 -5.65 57.09
CA GLU B 69 -0.72 -5.14 58.29
C GLU B 69 -0.50 -6.27 59.29
N TYR B 70 -1.47 -7.19 59.36
CA TYR B 70 -1.38 -8.33 60.25
C TYR B 70 -0.33 -9.33 59.78
N ALA B 71 -0.19 -9.45 58.47
CA ALA B 71 0.74 -10.42 57.88
C ALA B 71 2.16 -9.90 57.89
N LYS B 72 2.32 -8.58 58.02
CA LYS B 72 3.63 -7.96 57.93
C LYS B 72 4.52 -8.30 59.13
N ARG B 73 3.92 -8.32 60.32
CA ARG B 73 4.70 -8.60 61.54
C ARG B 73 5.22 -10.04 61.58
N PHE B 74 4.45 -10.98 61.02
CA PHE B 74 4.89 -12.37 60.95
C PHE B 74 5.70 -12.66 59.69
N LEU B 75 5.64 -11.74 58.72
CA LEU B 75 6.38 -11.87 57.47
C LEU B 75 7.17 -10.61 57.17
N PRO B 76 8.43 -10.55 57.64
CA PRO B 76 9.31 -9.39 57.50
C PRO B 76 9.41 -8.89 56.05
N GLY B 77 9.36 -7.57 55.89
CA GLY B 77 9.42 -6.98 54.56
C GLY B 77 8.95 -5.54 54.53
N LYS B 78 8.59 -5.08 53.35
CA LYS B 78 8.16 -3.70 53.15
C LYS B 78 6.70 -3.64 52.70
N LEU B 79 5.84 -3.10 53.55
CA LEU B 79 4.42 -3.01 53.23
C LEU B 79 4.10 -1.67 52.57
N VAL B 80 3.56 -1.73 51.37
CA VAL B 80 3.07 -0.53 50.69
C VAL B 80 1.55 -0.60 50.61
N LYS B 81 0.85 0.31 51.28
CA LYS B 81 -0.59 0.24 51.24
C LYS B 81 -1.16 1.18 50.19
N HIS B 82 -2.45 1.03 49.92
CA HIS B 82 -3.20 1.93 49.05
C HIS B 82 -4.63 2.03 49.58
N ASP B 83 -5.01 3.20 50.10
CA ASP B 83 -6.43 3.46 50.32
C ASP B 83 -6.87 4.04 48.99
N LYS B 84 -8.13 4.45 48.88
CA LYS B 84 -8.93 4.23 47.67
C LYS B 84 -9.20 2.73 47.66
N PHE B 85 -8.70 2.04 46.63
CA PHE B 85 -9.13 0.68 46.29
C PHE B 85 -8.92 -0.37 47.38
N MET B 86 -8.25 0.01 48.46
CA MET B 86 -7.94 -0.88 49.58
C MET B 86 -7.09 -2.05 49.12
N THR B 87 -5.88 -1.76 48.68
CA THR B 87 -4.98 -2.77 48.14
C THR B 87 -3.64 -2.62 48.81
N ALA B 88 -2.87 -3.70 48.94
CA ALA B 88 -1.55 -3.59 49.56
C ALA B 88 -0.55 -4.52 48.89
N SER B 89 0.73 -4.19 49.00
CA SER B 89 1.78 -5.02 48.44
C SER B 89 2.89 -5.22 49.45
N LEU B 90 3.18 -6.48 49.75
CA LEU B 90 4.21 -6.80 50.73
C LEU B 90 5.46 -7.36 50.07
N PHE B 91 6.55 -6.60 50.14
CA PHE B 91 7.81 -7.01 49.53
C PHE B 91 8.66 -7.77 50.54
N LEU B 92 8.79 -9.08 50.33
CA LEU B 92 9.50 -9.93 51.28
C LEU B 92 11.01 -9.85 51.08
N LYS B 93 11.75 -10.14 52.14
CA LYS B 93 13.21 -10.15 52.07
C LYS B 93 13.71 -11.23 51.12
N GLY B 94 12.90 -12.27 50.93
CA GLY B 94 13.23 -13.35 50.03
C GLY B 94 13.23 -12.91 48.57
N GLY B 95 12.60 -11.77 48.30
CA GLY B 95 12.52 -11.24 46.95
C GLY B 95 11.12 -11.35 46.37
N LEU B 96 10.27 -12.13 47.02
CA LEU B 96 8.91 -12.34 46.55
C LEU B 96 8.01 -11.15 46.92
N ARG B 97 7.11 -10.79 46.00
CA ARG B 97 6.14 -9.74 46.27
C ARG B 97 4.75 -10.32 46.39
N ILE B 98 4.01 -9.90 47.42
CA ILE B 98 2.66 -10.39 47.62
C ILE B 98 1.63 -9.28 47.40
N ASP B 99 0.84 -9.42 46.35
CA ASP B 99 -0.20 -8.46 46.05
C ASP B 99 -1.53 -8.89 46.67
N ILE B 100 -2.03 -8.08 47.59
CA ILE B 100 -3.26 -8.38 48.32
C ILE B 100 -4.34 -7.35 48.00
N ALA B 101 -5.53 -7.82 47.64
CA ALA B 101 -6.62 -6.92 47.29
C ALA B 101 -7.92 -7.24 48.03
N THR B 102 -8.68 -6.19 48.32
CA THR B 102 -9.98 -6.32 48.97
C THR B 102 -11.06 -6.70 47.96
N ALA B 103 -11.87 -7.70 48.30
CA ALA B 103 -12.99 -8.07 47.43
C ALA B 103 -14.29 -7.52 47.99
N ARG B 104 -14.86 -6.54 47.29
CA ARG B 104 -16.13 -5.94 47.68
C ARG B 104 -16.75 -5.20 46.51
N SER B 120 -21.87 -14.36 46.62
CA SER B 120 -21.97 -12.97 46.22
C SER B 120 -20.59 -12.35 46.01
N THR B 121 -19.88 -12.11 47.09
CA THR B 121 -18.54 -11.55 47.02
C THR B 121 -17.57 -12.56 46.42
N ILE B 122 -16.45 -12.05 45.89
CA ILE B 122 -15.38 -12.81 45.25
C ILE B 122 -15.84 -13.44 43.91
N LYS B 123 -17.15 -13.48 43.71
CA LYS B 123 -17.70 -13.80 42.40
C LYS B 123 -17.69 -12.52 41.57
N LYS B 124 -17.96 -11.41 42.24
CA LYS B 124 -17.99 -10.10 41.60
C LYS B 124 -16.58 -9.63 41.26
N ASP B 125 -15.64 -9.89 42.17
CA ASP B 125 -14.25 -9.50 41.96
C ASP B 125 -13.65 -10.28 40.79
N LEU B 126 -14.08 -11.53 40.65
CA LEU B 126 -13.61 -12.39 39.57
C LEU B 126 -14.33 -12.11 38.26
N TYR B 127 -15.55 -11.60 38.35
CA TYR B 127 -16.36 -11.31 37.18
C TYR B 127 -15.78 -10.16 36.36
N ARG B 128 -14.98 -9.31 37.01
CA ARG B 128 -14.40 -8.15 36.35
C ARG B 128 -13.14 -8.51 35.55
N ARG B 129 -12.66 -9.74 35.72
CA ARG B 129 -11.41 -10.15 35.09
C ARG B 129 -11.60 -10.36 33.59
N ASP B 130 -10.50 -10.28 32.85
CA ASP B 130 -10.54 -10.23 31.38
C ASP B 130 -11.14 -11.47 30.73
N PHE B 131 -10.57 -12.63 31.02
CA PHE B 131 -11.00 -13.87 30.38
C PHE B 131 -11.32 -14.95 31.41
N THR B 132 -12.05 -15.97 30.96
CA THR B 132 -12.54 -17.02 31.84
C THR B 132 -11.42 -17.82 32.53
N ILE B 133 -10.32 -18.06 31.81
CA ILE B 133 -9.22 -18.86 32.37
C ILE B 133 -8.44 -18.11 33.44
N ASN B 134 -8.56 -16.79 33.44
CA ASN B 134 -7.96 -15.95 34.48
C ASN B 134 -8.95 -15.60 35.58
N ALA B 135 -10.17 -16.13 35.48
CA ALA B 135 -11.23 -15.81 36.43
C ALA B 135 -11.34 -16.84 37.56
N MET B 136 -10.43 -17.79 37.62
CA MET B 136 -10.48 -18.83 38.63
C MET B 136 -9.73 -18.44 39.91
N ALA B 137 -10.25 -18.86 41.06
CA ALA B 137 -9.58 -18.58 42.34
C ALA B 137 -9.30 -19.86 43.12
N ILE B 138 -8.37 -19.80 44.07
CA ILE B 138 -8.11 -20.97 44.92
C ILE B 138 -8.06 -20.56 46.39
N LYS B 139 -8.96 -21.14 47.20
CA LYS B 139 -9.05 -20.73 48.60
C LYS B 139 -7.89 -21.26 49.43
N LEU B 140 -7.20 -20.36 50.13
CA LEU B 140 -6.04 -20.72 50.92
C LEU B 140 -6.34 -21.04 52.38
N ASN B 141 -7.56 -20.75 52.83
CA ASN B 141 -7.95 -21.03 54.21
C ASN B 141 -7.82 -22.52 54.52
N PRO B 142 -7.21 -22.84 55.68
CA PRO B 142 -6.87 -24.20 56.11
C PRO B 142 -8.01 -25.20 55.95
N LYS B 143 -9.22 -24.80 56.31
CA LYS B 143 -10.37 -25.68 56.20
C LYS B 143 -10.62 -26.06 54.74
N ASP B 144 -10.72 -25.06 53.89
CA ASP B 144 -11.03 -25.24 52.47
C ASP B 144 -9.81 -25.30 51.57
N PHE B 145 -8.61 -25.32 52.16
CA PHE B 145 -7.35 -25.23 51.42
C PHE B 145 -7.27 -26.20 50.23
N GLY B 146 -6.94 -25.66 49.07
CA GLY B 146 -6.86 -26.45 47.86
C GLY B 146 -8.18 -26.49 47.12
N LEU B 147 -9.06 -25.55 47.41
CA LEU B 147 -10.35 -25.47 46.74
C LEU B 147 -10.29 -24.58 45.52
N LEU B 148 -10.51 -25.18 44.35
CA LEU B 148 -10.57 -24.46 43.09
C LEU B 148 -12.00 -23.97 42.87
N ILE B 149 -12.13 -22.65 42.77
CA ILE B 149 -13.42 -22.01 42.57
C ILE B 149 -13.50 -21.34 41.21
N ASP B 150 -14.33 -21.90 40.35
CA ASP B 150 -14.56 -21.34 39.02
C ASP B 150 -16.06 -21.28 38.72
N PHE B 151 -16.59 -20.07 38.63
CA PHE B 151 -18.01 -19.87 38.34
C PHE B 151 -18.32 -19.94 36.85
N PHE B 152 -17.44 -19.34 36.05
CA PHE B 152 -17.72 -19.02 34.66
C PHE B 152 -17.25 -20.06 33.64
N GLY B 153 -16.71 -21.17 34.14
CA GLY B 153 -16.30 -22.26 33.27
C GLY B 153 -14.91 -22.10 32.69
N GLY B 154 -14.05 -21.37 33.40
CA GLY B 154 -12.68 -21.17 32.97
C GLY B 154 -11.87 -22.44 32.94
N TYR B 155 -12.27 -23.43 33.73
CA TYR B 155 -11.60 -24.73 33.76
C TYR B 155 -11.84 -25.49 32.46
N ARG B 156 -13.11 -25.58 32.08
CA ARG B 156 -13.52 -26.20 30.83
C ARG B 156 -12.88 -25.49 29.63
N ASP B 157 -12.86 -24.16 29.69
CA ASP B 157 -12.24 -23.36 28.63
C ASP B 157 -10.73 -23.55 28.63
N LEU B 158 -10.18 -23.92 29.78
CA LEU B 158 -8.74 -24.16 29.88
C LEU B 158 -8.38 -25.48 29.24
N LYS B 159 -9.20 -26.50 29.48
CA LYS B 159 -8.96 -27.82 28.91
C LYS B 159 -9.17 -27.82 27.39
N GLU B 160 -10.11 -27.01 26.93
CA GLU B 160 -10.42 -26.94 25.50
C GLU B 160 -9.62 -25.83 24.80
N GLY B 161 -8.87 -25.06 25.57
CA GLY B 161 -8.04 -24.00 25.02
C GLY B 161 -8.84 -22.85 24.44
N VAL B 162 -9.77 -22.31 25.24
CA VAL B 162 -10.67 -21.28 24.77
C VAL B 162 -10.44 -19.93 25.45
N ILE B 163 -10.23 -18.90 24.65
CA ILE B 163 -10.16 -17.53 25.16
C ILE B 163 -11.54 -16.91 25.08
N ARG B 164 -12.14 -16.65 26.24
CA ARG B 164 -13.51 -16.16 26.30
C ARG B 164 -13.68 -15.06 27.34
N VAL B 165 -14.27 -13.95 26.93
CA VAL B 165 -14.54 -12.84 27.84
C VAL B 165 -15.72 -13.14 28.77
N LEU B 166 -15.79 -12.40 29.85
CA LEU B 166 -16.84 -12.60 30.86
C LEU B 166 -18.20 -12.09 30.39
N HIS B 167 -18.20 -10.95 29.71
CA HIS B 167 -19.45 -10.33 29.28
C HIS B 167 -19.28 -9.46 28.03
N THR B 168 -20.36 -8.80 27.64
CA THR B 168 -20.39 -8.01 26.41
C THR B 168 -19.54 -6.74 26.50
N LEU B 169 -19.54 -6.12 27.67
CA LEU B 169 -18.88 -4.84 27.86
C LEU B 169 -17.42 -5.02 28.23
N SER B 170 -16.96 -6.27 28.21
CA SER B 170 -15.58 -6.63 28.53
C SER B 170 -14.55 -5.75 27.83
N PHE B 171 -14.53 -5.81 26.50
CA PHE B 171 -13.58 -5.03 25.72
C PHE B 171 -13.79 -3.52 25.87
N VAL B 172 -15.01 -3.13 26.21
CA VAL B 172 -15.30 -1.72 26.44
C VAL B 172 -14.58 -1.21 27.67
N ASP B 173 -14.63 -1.99 28.75
CA ASP B 173 -14.02 -1.61 30.02
C ASP B 173 -12.50 -1.52 29.94
N ASP B 174 -11.87 -2.52 29.33
CA ASP B 174 -10.42 -2.50 29.15
C ASP B 174 -10.04 -2.96 27.74
N PRO B 175 -10.08 -2.03 26.77
CA PRO B 175 -9.75 -2.30 25.36
C PRO B 175 -8.38 -2.94 25.15
N THR B 176 -7.48 -2.81 26.13
CA THR B 176 -6.16 -3.41 26.04
C THR B 176 -6.27 -4.93 25.82
N ARG B 177 -7.33 -5.51 26.35
CA ARG B 177 -7.62 -6.93 26.19
C ARG B 177 -7.63 -7.35 24.73
N ILE B 178 -8.05 -6.44 23.85
CA ILE B 178 -8.05 -6.70 22.40
C ILE B 178 -6.70 -7.25 21.95
N LEU B 179 -5.63 -6.67 22.45
CA LEU B 179 -4.29 -7.18 22.16
C LEU B 179 -4.02 -8.43 22.99
N ARG B 180 -4.34 -8.35 24.28
CA ARG B 180 -4.02 -9.41 25.23
C ARG B 180 -4.54 -10.76 24.76
N ALA B 181 -5.81 -10.77 24.35
CA ALA B 181 -6.44 -11.98 23.83
C ALA B 181 -5.55 -12.60 22.75
N ILE B 182 -5.19 -11.79 21.76
CA ILE B 182 -4.32 -12.23 20.68
C ILE B 182 -3.04 -12.81 21.26
N ARG B 183 -2.42 -12.06 22.18
CA ARG B 183 -1.19 -12.52 22.81
C ARG B 183 -1.40 -13.88 23.46
N PHE B 184 -2.52 -14.04 24.16
CA PHE B 184 -2.80 -15.29 24.83
C PHE B 184 -2.92 -16.41 23.81
N GLU B 185 -3.57 -16.11 22.68
CA GLU B 185 -3.70 -17.07 21.61
C GLU B 185 -2.34 -17.60 21.18
N GLN B 186 -1.33 -16.73 21.22
CA GLN B 186 0.01 -17.14 20.85
C GLN B 186 0.88 -17.55 22.04
N ARG B 187 0.43 -17.29 23.27
CA ARG B 187 1.21 -17.67 24.44
C ARG B 187 1.17 -19.18 24.62
N PHE B 188 -0.04 -19.69 24.70
CA PHE B 188 -0.32 -21.11 24.55
C PHE B 188 -0.74 -21.28 23.10
N ASP B 189 -1.23 -22.45 22.73
CA ASP B 189 -1.95 -22.52 21.47
C ASP B 189 -3.44 -22.60 21.79
N PHE B 190 -4.11 -21.47 21.63
CA PHE B 190 -5.49 -21.30 22.06
C PHE B 190 -6.30 -20.63 20.95
N ARG B 191 -7.61 -20.62 21.11
CA ARG B 191 -8.48 -19.97 20.13
C ARG B 191 -9.52 -19.08 20.81
N ILE B 192 -9.73 -17.90 20.23
CA ILE B 192 -10.79 -17.01 20.68
C ILE B 192 -12.12 -17.47 20.11
N GLU B 193 -13.08 -17.76 20.98
CA GLU B 193 -14.37 -18.28 20.55
C GLU B 193 -15.20 -17.20 19.85
N GLU B 194 -16.21 -17.63 19.11
CA GLU B 194 -17.00 -16.77 18.22
C GLU B 194 -17.44 -15.44 18.82
N THR B 195 -18.30 -15.52 19.84
CA THR B 195 -18.93 -14.33 20.43
C THR B 195 -17.94 -13.24 20.83
N THR B 196 -16.89 -13.63 21.55
CA THR B 196 -15.91 -12.65 22.01
C THR B 196 -15.05 -12.15 20.84
N GLU B 197 -14.98 -12.93 19.76
CA GLU B 197 -14.27 -12.46 18.57
C GLU B 197 -15.09 -11.36 17.89
N ARG B 198 -16.40 -11.56 17.85
CA ARG B 198 -17.30 -10.54 17.33
C ARG B 198 -17.22 -9.28 18.18
N LEU B 199 -17.24 -9.47 19.49
CA LEU B 199 -17.16 -8.36 20.44
C LEU B 199 -15.83 -7.61 20.28
N LEU B 200 -14.78 -8.35 20.00
CA LEU B 200 -13.45 -7.79 19.80
C LEU B 200 -13.44 -6.93 18.54
N LYS B 201 -13.98 -7.47 17.46
CA LYS B 201 -14.06 -6.74 16.19
C LYS B 201 -14.87 -5.45 16.36
N GLN B 202 -16.04 -5.56 16.96
CA GLN B 202 -16.88 -4.39 17.24
C GLN B 202 -16.14 -3.37 18.09
N ALA B 203 -15.38 -3.85 19.06
CA ALA B 203 -14.62 -2.96 19.94
C ALA B 203 -13.54 -2.21 19.16
N VAL B 204 -12.96 -2.90 18.18
CA VAL B 204 -11.94 -2.28 17.33
C VAL B 204 -12.54 -1.24 16.40
N GLU B 205 -13.65 -1.57 15.77
CA GLU B 205 -14.26 -0.69 14.77
C GLU B 205 -14.93 0.53 15.39
N GLU B 206 -15.30 0.44 16.66
CA GLU B 206 -15.97 1.55 17.32
C GLU B 206 -14.98 2.54 17.93
N GLY B 207 -13.70 2.27 17.73
CA GLY B 207 -12.66 3.21 18.09
C GLY B 207 -12.26 3.24 19.56
N TYR B 208 -12.58 2.17 20.28
CA TYR B 208 -12.21 2.07 21.68
C TYR B 208 -10.71 1.85 21.85
N LEU B 209 -10.07 1.44 20.76
CA LEU B 209 -8.64 1.16 20.78
C LEU B 209 -7.81 2.43 20.96
N GLU B 210 -8.14 3.46 20.19
CA GLU B 210 -7.43 4.73 20.26
C GLU B 210 -7.97 5.59 21.41
N ARG B 211 -9.04 5.12 22.03
CA ARG B 211 -9.64 5.79 23.17
C ARG B 211 -8.71 5.67 24.39
N THR B 212 -8.10 4.50 24.54
CA THR B 212 -7.20 4.21 25.66
C THR B 212 -5.84 4.87 25.52
N THR B 213 -5.13 4.98 26.65
CA THR B 213 -3.81 5.61 26.69
C THR B 213 -2.78 4.83 25.88
N GLY B 214 -1.79 5.55 25.37
CA GLY B 214 -0.74 4.98 24.55
C GLY B 214 0.20 3.98 25.21
N PRO B 215 0.85 4.37 26.33
CA PRO B 215 1.84 3.52 27.00
C PRO B 215 1.37 2.10 27.29
N ARG B 216 0.10 1.92 27.67
CA ARG B 216 -0.42 0.60 27.95
C ARG B 216 -0.43 -0.25 26.68
N LEU B 217 -0.94 0.31 25.61
CA LEU B 217 -0.99 -0.37 24.32
C LEU B 217 0.42 -0.72 23.87
N ARG B 218 1.36 0.20 24.08
CA ARG B 218 2.76 -0.07 23.79
C ARG B 218 3.26 -1.25 24.61
N GLN B 219 2.84 -1.32 25.86
CA GLN B 219 3.27 -2.39 26.75
C GLN B 219 2.75 -3.75 26.27
N GLU B 220 1.46 -3.82 25.98
CA GLU B 220 0.85 -5.06 25.49
C GLU B 220 1.45 -5.50 24.16
N LEU B 221 1.79 -4.53 23.33
CA LEU B 221 2.43 -4.84 22.05
C LEU B 221 3.83 -5.40 22.29
N GLU B 222 4.56 -4.77 23.20
CA GLU B 222 5.91 -5.21 23.56
C GLU B 222 5.89 -6.63 24.10
N LYS B 223 4.86 -6.96 24.87
CA LYS B 223 4.70 -8.31 25.40
C LYS B 223 4.31 -9.28 24.27
N ILE B 224 3.51 -8.79 23.33
CA ILE B 224 3.11 -9.59 22.17
C ILE B 224 4.31 -10.01 21.35
N LEU B 225 5.23 -9.06 21.11
CA LEU B 225 6.36 -9.31 20.23
C LEU B 225 7.41 -10.23 20.85
N GLU B 226 7.36 -10.39 22.16
CA GLU B 226 8.31 -11.28 22.84
C GLU B 226 7.71 -12.66 23.07
N GLU B 227 6.47 -12.85 22.62
CA GLU B 227 5.79 -14.14 22.75
C GLU B 227 6.27 -15.11 21.66
N LYS B 228 5.66 -16.29 21.61
CA LYS B 228 6.15 -17.40 20.79
C LYS B 228 6.06 -17.14 19.29
N ASN B 229 4.92 -16.68 18.81
CA ASN B 229 4.75 -16.44 17.38
C ASN B 229 4.39 -14.99 17.06
N PRO B 230 5.41 -14.12 16.97
CA PRO B 230 5.22 -12.70 16.70
C PRO B 230 4.53 -12.44 15.37
N LEU B 231 4.98 -13.12 14.33
CA LEU B 231 4.42 -12.95 12.99
C LEU B 231 2.93 -13.28 12.96
N LYS B 232 2.57 -14.42 13.52
CA LYS B 232 1.18 -14.84 13.60
C LYS B 232 0.35 -13.84 14.40
N SER B 233 0.97 -13.23 15.40
CA SER B 233 0.31 -12.20 16.19
C SER B 233 0.01 -10.99 15.32
N ILE B 234 1.03 -10.52 14.61
CA ILE B 234 0.90 -9.38 13.70
C ILE B 234 -0.23 -9.61 12.71
N ARG B 235 -0.22 -10.77 12.07
CA ARG B 235 -1.23 -11.12 11.08
C ARG B 235 -2.62 -11.25 11.72
N ARG B 236 -2.65 -11.68 12.98
CA ARG B 236 -3.92 -11.79 13.69
C ARG B 236 -4.49 -10.40 13.98
N MET B 237 -3.61 -9.45 14.28
CA MET B 237 -4.01 -8.07 14.48
C MET B 237 -4.46 -7.47 13.16
N ALA B 238 -3.84 -7.94 12.08
CA ALA B 238 -4.19 -7.50 10.73
C ALA B 238 -5.60 -7.92 10.36
N GLN B 239 -5.95 -9.17 10.71
CA GLN B 239 -7.30 -9.67 10.46
C GLN B 239 -8.38 -8.81 11.11
N PHE B 240 -8.08 -8.30 12.30
CA PHE B 240 -9.06 -7.53 13.07
C PHE B 240 -8.93 -6.04 12.82
N ASP B 241 -8.04 -5.67 11.90
CA ASP B 241 -7.79 -4.28 11.56
C ASP B 241 -7.35 -3.49 12.79
N VAL B 242 -6.51 -4.11 13.61
CA VAL B 242 -5.98 -3.48 14.80
C VAL B 242 -4.86 -2.50 14.45
N ILE B 243 -3.98 -2.92 13.55
CA ILE B 243 -2.80 -2.14 13.18
C ILE B 243 -3.14 -0.74 12.69
N LYS B 244 -4.19 -0.64 11.88
CA LYS B 244 -4.58 0.67 11.35
C LYS B 244 -5.10 1.59 12.46
N HIS B 245 -5.74 1.00 13.46
CA HIS B 245 -6.27 1.79 14.58
C HIS B 245 -5.16 2.18 15.55
N LEU B 246 -4.13 1.35 15.64
CA LEU B 246 -2.97 1.67 16.48
C LEU B 246 -2.14 2.78 15.84
N PHE B 247 -1.81 2.60 14.56
CA PHE B 247 -1.00 3.56 13.83
C PHE B 247 -1.70 3.96 12.53
N PRO B 248 -2.46 5.07 12.57
CA PRO B 248 -3.39 5.53 11.54
C PRO B 248 -2.83 5.53 10.11
N LYS B 249 -1.56 5.87 9.94
CA LYS B 249 -0.96 5.97 8.61
C LYS B 249 -0.28 4.68 8.18
N THR B 250 -0.38 3.63 8.99
CA THR B 250 0.18 2.34 8.62
C THR B 250 -0.87 1.47 7.94
N TYR B 251 -0.64 1.18 6.67
CA TYR B 251 -1.57 0.37 5.89
C TYR B 251 -0.93 -0.97 5.60
N TYR B 252 -1.60 -2.05 6.03
CA TYR B 252 -0.98 -3.37 5.98
C TYR B 252 -1.33 -4.05 4.68
N THR B 253 -0.34 -4.14 3.80
CA THR B 253 -0.54 -4.74 2.48
C THR B 253 0.12 -6.11 2.44
N PRO B 254 -0.04 -6.85 1.32
CA PRO B 254 0.78 -8.06 1.19
C PRO B 254 2.27 -7.75 1.14
N SER B 255 2.61 -6.57 0.64
CA SER B 255 4.01 -6.13 0.58
C SER B 255 4.56 -5.94 1.99
N MET B 256 3.81 -5.22 2.81
CA MET B 256 4.20 -5.01 4.20
C MET B 256 4.24 -6.33 4.95
N ASP B 257 3.32 -7.23 4.63
CA ASP B 257 3.28 -8.55 5.26
C ASP B 257 4.52 -9.36 4.91
N GLU B 258 4.97 -9.23 3.67
CA GLU B 258 6.20 -9.90 3.24
C GLU B 258 7.40 -9.29 3.97
N LYS B 259 7.36 -7.97 4.13
CA LYS B 259 8.38 -7.26 4.90
C LYS B 259 8.47 -7.78 6.33
N MET B 260 7.30 -8.04 6.93
CA MET B 260 7.23 -8.56 8.28
C MET B 260 7.69 -10.01 8.35
N GLU B 261 7.41 -10.76 7.28
CA GLU B 261 7.86 -12.14 7.20
C GLU B 261 9.39 -12.20 7.21
N ASN B 262 10.00 -11.44 6.32
CA ASN B 262 11.46 -11.34 6.28
C ASN B 262 12.02 -10.82 7.59
N LEU B 263 11.31 -9.86 8.17
CA LEU B 263 11.70 -9.21 9.42
C LEU B 263 11.82 -10.23 10.55
N PHE B 264 10.74 -10.96 10.81
CA PHE B 264 10.72 -11.93 11.89
C PHE B 264 11.56 -13.16 11.58
N ARG B 265 11.77 -13.45 10.29
CA ARG B 265 12.65 -14.54 9.91
C ARG B 265 14.09 -14.20 10.27
N ASN B 266 14.49 -12.96 9.99
CA ASN B 266 15.88 -12.56 10.18
C ASN B 266 16.20 -11.96 11.55
N ILE B 267 15.18 -11.71 12.36
CA ILE B 267 15.38 -11.15 13.69
C ILE B 267 16.28 -12.04 14.59
N PRO B 268 16.04 -13.37 14.64
CA PRO B 268 16.90 -14.17 15.52
C PRO B 268 18.37 -14.12 15.10
N TRP B 269 18.62 -13.98 13.81
CA TRP B 269 19.97 -13.90 13.27
C TRP B 269 20.69 -12.66 13.80
N VAL B 270 20.03 -11.52 13.71
CA VAL B 270 20.58 -10.26 14.19
C VAL B 270 20.76 -10.29 15.71
N GLU B 271 19.77 -10.87 16.38
CA GLU B 271 19.83 -11.00 17.83
C GLU B 271 21.04 -11.82 18.26
N GLU B 272 21.29 -12.91 17.54
CA GLU B 272 22.41 -13.79 17.86
C GLU B 272 23.75 -13.14 17.56
N ASN B 273 23.93 -12.68 16.33
CA ASN B 273 25.22 -12.15 15.90
C ASN B 273 25.57 -10.75 16.41
N PHE B 274 24.65 -9.81 16.26
CA PHE B 274 24.94 -8.41 16.58
C PHE B 274 24.47 -7.98 17.97
N GLY B 275 23.87 -8.90 18.71
CA GLY B 275 23.44 -8.59 20.07
C GLY B 275 21.95 -8.32 20.20
N GLU B 276 21.55 -7.81 21.36
CA GLU B 276 20.13 -7.60 21.67
C GLU B 276 19.43 -6.68 20.67
N VAL B 277 18.18 -7.03 20.37
CA VAL B 277 17.37 -6.26 19.44
C VAL B 277 16.03 -5.91 20.08
N ASP B 278 15.57 -4.68 19.89
CA ASP B 278 14.27 -4.28 20.41
C ASP B 278 13.22 -4.54 19.33
N ARG B 279 12.36 -5.51 19.58
CA ARG B 279 11.43 -5.98 18.55
C ARG B 279 10.28 -5.00 18.33
N PHE B 280 9.99 -4.20 19.34
CA PHE B 280 8.96 -3.18 19.22
C PHE B 280 9.38 -2.13 18.20
N TYR B 281 10.59 -1.61 18.38
CA TYR B 281 11.14 -0.63 17.44
C TYR B 281 11.47 -1.27 16.11
N ALA B 282 11.79 -2.56 16.13
CA ALA B 282 12.07 -3.30 14.90
C ALA B 282 10.81 -3.37 14.03
N VAL B 283 9.67 -3.61 14.69
CA VAL B 283 8.39 -3.66 13.97
C VAL B 283 7.96 -2.26 13.55
N LEU B 284 8.13 -1.28 14.45
CA LEU B 284 7.78 0.10 14.14
C LEU B 284 8.60 0.66 12.98
N HIS B 285 9.82 0.13 12.82
CA HIS B 285 10.66 0.51 11.70
C HIS B 285 9.93 0.28 10.38
N VAL B 286 9.39 -0.93 10.22
CA VAL B 286 8.62 -1.28 9.04
C VAL B 286 7.29 -0.53 9.01
N PHE B 287 6.60 -0.49 10.16
CA PHE B 287 5.30 0.15 10.24
C PHE B 287 5.35 1.63 9.89
N LEU B 288 6.33 2.34 10.46
CA LEU B 288 6.34 3.80 10.39
C LEU B 288 7.02 4.32 9.12
N GLU B 289 7.35 3.40 8.21
CA GLU B 289 7.89 3.79 6.91
C GLU B 289 7.04 4.85 6.23
N PHE B 290 7.72 5.88 5.70
CA PHE B 290 7.09 6.98 4.98
C PHE B 290 6.02 7.67 5.82
N TYR B 291 6.46 8.27 6.93
CA TYR B 291 5.58 9.01 7.82
C TYR B 291 5.91 10.50 7.76
N ASP B 292 4.92 11.32 7.42
CA ASP B 292 5.10 12.76 7.43
C ASP B 292 5.31 13.25 8.85
N ASP B 293 5.92 14.43 8.98
CA ASP B 293 6.30 14.97 10.28
C ASP B 293 5.13 15.09 11.26
N GLU B 294 3.95 15.44 10.75
CA GLU B 294 2.76 15.54 11.58
C GLU B 294 2.41 14.20 12.20
N SER B 295 2.23 13.19 11.35
CA SER B 295 1.85 11.85 11.78
C SER B 295 2.92 11.24 12.69
N TRP B 296 4.18 11.47 12.36
CA TRP B 296 5.28 10.99 13.18
C TRP B 296 5.25 11.64 14.56
N LYS B 297 5.02 12.94 14.60
CA LYS B 297 4.91 13.66 15.87
C LYS B 297 3.79 13.09 16.72
N GLU B 298 2.63 12.89 16.12
CA GLU B 298 1.48 12.39 16.85
C GLU B 298 1.71 10.97 17.39
N VAL B 299 2.25 10.10 16.54
CA VAL B 299 2.47 8.70 16.94
C VAL B 299 3.62 8.60 17.94
N ARG B 300 4.49 9.60 17.94
CA ARG B 300 5.61 9.67 18.88
C ARG B 300 5.12 10.17 20.24
N ASP B 301 4.12 11.05 20.20
CA ASP B 301 3.58 11.62 21.43
C ASP B 301 2.63 10.66 22.13
N ARG B 302 1.80 9.97 21.36
CA ARG B 302 0.88 8.98 21.93
C ARG B 302 1.64 7.90 22.70
N TYR B 303 2.38 7.08 21.97
CA TYR B 303 3.30 6.13 22.58
C TYR B 303 4.67 6.80 22.59
N SER B 304 5.24 7.01 23.78
CA SER B 304 6.53 7.69 23.87
C SER B 304 7.60 6.90 23.13
N LEU B 305 8.26 7.57 22.19
CA LEU B 305 9.24 6.90 21.32
C LEU B 305 10.50 7.74 21.19
N ARG B 306 11.61 7.07 20.85
CA ARG B 306 12.86 7.77 20.60
C ARG B 306 12.67 8.79 19.48
N ARG B 307 13.05 10.03 19.75
CA ARG B 307 12.88 11.10 18.77
C ARG B 307 13.77 10.90 17.56
N ASN B 308 14.77 10.02 17.71
CA ASN B 308 15.72 9.75 16.64
C ASN B 308 15.35 8.53 15.80
N LEU B 309 14.22 7.90 16.13
CA LEU B 309 13.77 6.71 15.42
C LEU B 309 13.41 7.02 13.96
N ILE B 310 12.70 8.14 13.77
CA ILE B 310 12.23 8.52 12.45
C ILE B 310 13.38 8.75 11.48
N ASN B 311 14.53 9.17 12.00
CA ASN B 311 15.71 9.39 11.17
C ASN B 311 16.31 8.07 10.70
N GLU B 312 16.33 7.08 11.58
CA GLU B 312 16.79 5.74 11.22
C GLU B 312 15.86 5.15 10.17
N ILE B 313 14.57 5.23 10.43
CA ILE B 313 13.56 4.72 9.50
C ILE B 313 13.69 5.37 8.12
N ARG B 314 13.78 6.69 8.10
CA ARG B 314 13.91 7.43 6.84
C ARG B 314 15.22 7.11 6.15
N HIS B 315 16.25 6.81 6.93
CA HIS B 315 17.52 6.36 6.35
C HIS B 315 17.30 5.04 5.63
N VAL B 316 16.54 4.15 6.24
CA VAL B 316 16.25 2.86 5.62
C VAL B 316 15.42 3.02 4.35
N GLU B 317 14.38 3.84 4.41
CA GLU B 317 13.51 4.03 3.25
C GLU B 317 14.25 4.76 2.13
N LYS B 318 15.32 5.46 2.50
CA LYS B 318 16.17 6.13 1.52
C LYS B 318 17.15 5.16 0.86
N SER B 319 17.72 4.27 1.66
CA SER B 319 18.80 3.40 1.20
C SER B 319 18.38 1.99 0.77
N ALA B 320 17.10 1.68 0.91
CA ALA B 320 16.62 0.30 0.66
C ALA B 320 16.71 -0.13 -0.82
N PRO B 321 16.16 0.66 -1.76
CA PRO B 321 16.23 0.18 -3.15
C PRO B 321 17.66 0.08 -3.66
N ALA B 322 18.50 1.04 -3.27
CA ALA B 322 19.90 1.03 -3.62
C ALA B 322 20.58 -0.22 -3.06
N LEU B 323 20.16 -0.63 -1.86
CA LEU B 323 20.69 -1.82 -1.23
C LEU B 323 20.27 -3.06 -2.02
N LEU B 324 19.02 -3.08 -2.46
CA LEU B 324 18.52 -4.17 -3.29
C LEU B 324 19.35 -4.30 -4.57
N GLU B 325 19.61 -3.17 -5.23
CA GLU B 325 20.42 -3.20 -6.45
C GLU B 325 21.86 -3.62 -6.18
N MET B 326 22.39 -3.20 -5.04
CA MET B 326 23.75 -3.55 -4.66
C MET B 326 23.89 -5.05 -4.42
N LEU B 327 22.87 -5.64 -3.80
CA LEU B 327 22.85 -7.07 -3.56
C LEU B 327 22.63 -7.85 -4.86
N SER B 328 21.85 -7.27 -5.77
CA SER B 328 21.52 -7.92 -7.03
C SER B 328 22.72 -8.00 -7.97
N GLU B 329 23.52 -6.96 -7.99
CA GLU B 329 24.64 -6.86 -8.93
C GLU B 329 25.94 -7.42 -8.38
N ARG B 330 25.88 -8.01 -7.19
CA ARG B 330 27.04 -8.58 -6.51
C ARG B 330 28.09 -7.50 -6.22
N VAL B 331 27.62 -6.30 -5.91
CA VAL B 331 28.49 -5.17 -5.64
C VAL B 331 29.31 -5.39 -4.36
N PRO B 332 30.62 -5.10 -4.40
CA PRO B 332 31.53 -5.27 -3.27
C PRO B 332 31.05 -4.59 -1.98
N ALA B 333 31.49 -5.13 -0.85
CA ALA B 333 31.01 -4.69 0.46
C ALA B 333 31.38 -3.25 0.80
N SER B 334 32.41 -2.72 0.15
CA SER B 334 32.85 -1.36 0.40
C SER B 334 31.78 -0.34 -0.02
N PHE B 335 30.98 -0.71 -1.00
CA PHE B 335 29.90 0.16 -1.48
C PHE B 335 28.66 0.09 -0.58
N VAL B 336 28.43 -1.07 0.03
CA VAL B 336 27.27 -1.25 0.90
C VAL B 336 27.60 -0.88 2.34
N TYR B 337 28.88 -0.60 2.59
CA TYR B 337 29.35 -0.23 3.92
C TYR B 337 28.74 1.07 4.47
N PRO B 338 28.75 2.17 3.69
CA PRO B 338 28.25 3.43 4.27
C PRO B 338 26.78 3.38 4.68
N LEU B 339 26.02 2.46 4.11
CA LEU B 339 24.60 2.33 4.41
C LEU B 339 24.37 1.76 5.81
N VAL B 340 25.05 0.66 6.11
CA VAL B 340 24.88 -0.04 7.39
C VAL B 340 25.93 0.32 8.45
N LYS B 341 26.78 1.30 8.14
CA LYS B 341 27.94 1.61 8.98
C LYS B 341 27.62 1.87 10.46
N GLY B 342 26.97 2.99 10.75
CA GLY B 342 26.72 3.38 12.12
C GLY B 342 25.30 3.12 12.59
N VAL B 343 24.61 2.21 11.90
CA VAL B 343 23.19 1.97 12.16
C VAL B 343 22.94 1.10 13.40
N SER B 344 21.75 1.26 13.97
CA SER B 344 21.29 0.43 15.08
C SER B 344 20.91 -0.96 14.59
N ASN B 345 20.84 -1.91 15.52
CA ASN B 345 20.43 -3.27 15.19
C ASN B 345 19.02 -3.32 14.58
N GLU B 346 18.14 -2.45 15.06
CA GLU B 346 16.78 -2.36 14.53
C GLU B 346 16.82 -1.96 13.06
N THR B 347 17.74 -1.07 12.72
CA THR B 347 17.92 -0.65 11.34
C THR B 347 18.39 -1.81 10.49
N ILE B 348 19.29 -2.62 11.04
CA ILE B 348 19.75 -3.83 10.36
C ILE B 348 18.58 -4.77 10.08
N CYS B 349 17.74 -4.97 11.10
CA CYS B 349 16.55 -5.80 10.95
C CYS B 349 15.63 -5.25 9.87
N HIS B 350 15.54 -3.92 9.81
CA HIS B 350 14.70 -3.25 8.83
C HIS B 350 15.22 -3.50 7.42
N PHE B 351 16.52 -3.39 7.23
CA PHE B 351 17.16 -3.69 5.96
C PHE B 351 16.92 -5.14 5.56
N LEU B 352 17.07 -6.05 6.52
CA LEU B 352 16.86 -7.46 6.27
C LEU B 352 15.40 -7.78 5.97
N ALA B 353 14.50 -6.89 6.37
CA ALA B 353 13.08 -7.08 6.11
C ALA B 353 12.74 -6.90 4.63
N TYR B 354 13.68 -6.33 3.88
CA TYR B 354 13.45 -6.02 2.47
C TYR B 354 13.85 -7.13 1.51
N LEU B 355 14.51 -8.18 2.02
CA LEU B 355 14.96 -9.24 1.13
C LEU B 355 14.90 -10.64 1.73
N SER B 356 15.27 -11.61 0.91
CA SER B 356 15.32 -13.02 1.31
C SER B 356 16.15 -13.80 0.30
N GLY B 357 16.34 -15.09 0.56
CA GLY B 357 17.09 -15.96 -0.34
C GLY B 357 18.54 -15.56 -0.53
N GLU B 358 18.96 -15.50 -1.80
CA GLU B 358 20.34 -15.19 -2.14
C GLU B 358 20.77 -13.82 -1.66
N LYS B 359 19.87 -12.85 -1.77
CA LYS B 359 20.15 -11.50 -1.30
C LYS B 359 20.30 -11.49 0.21
N GLU B 360 19.52 -12.33 0.89
CA GLU B 360 19.60 -12.45 2.33
C GLU B 360 20.95 -13.02 2.76
N GLY B 361 21.33 -14.13 2.15
CA GLY B 361 22.62 -14.75 2.43
C GLY B 361 23.78 -13.83 2.15
N LEU B 362 23.69 -13.12 1.04
CA LEU B 362 24.74 -12.18 0.63
C LEU B 362 24.85 -11.03 1.61
N PHE B 363 23.71 -10.45 1.99
CA PHE B 363 23.71 -9.32 2.90
C PHE B 363 24.18 -9.74 4.29
N LYS B 364 23.86 -10.95 4.69
CA LYS B 364 24.34 -11.48 5.96
C LYS B 364 25.84 -11.69 5.91
N SER B 365 26.32 -12.16 4.76
CA SER B 365 27.75 -12.35 4.53
C SER B 365 28.50 -11.03 4.67
N TYR B 366 28.04 -10.01 3.95
CA TYR B 366 28.64 -8.69 4.02
C TYR B 366 28.53 -8.09 5.42
N LEU B 367 27.43 -8.37 6.10
CA LEU B 367 27.18 -7.86 7.44
C LEU B 367 28.18 -8.43 8.43
N LEU B 368 28.43 -9.73 8.34
CA LEU B 368 29.40 -10.37 9.22
C LEU B 368 30.83 -10.00 8.84
N LYS B 369 31.05 -9.74 7.56
CA LYS B 369 32.36 -9.31 7.09
C LYS B 369 32.67 -7.90 7.57
N ILE B 370 31.62 -7.10 7.76
CA ILE B 370 31.76 -5.75 8.30
C ILE B 370 31.92 -5.81 9.82
N LYS B 371 31.18 -6.71 10.45
CA LYS B 371 31.31 -6.95 11.90
C LYS B 371 32.74 -7.31 12.25
N ASN B 372 33.27 -8.32 11.56
CA ASN B 372 34.67 -8.69 11.68
C ASN B 372 35.52 -7.79 10.79
N THR B 373 36.79 -8.14 10.63
CA THR B 373 37.70 -7.39 9.75
C THR B 373 37.77 -5.92 10.14
N LYS B 374 38.40 -5.64 11.27
CA LYS B 374 38.46 -4.27 11.78
C LYS B 374 39.81 -3.61 11.48
N LEU B 375 40.84 -3.97 12.24
CA LEU B 375 42.17 -3.41 12.04
C LEU B 375 43.25 -4.31 12.62
N GLU B 376 44.48 -4.08 12.18
CA GLU B 376 45.65 -4.81 12.68
C GLU B 376 46.64 -3.83 13.29
N LYS B 377 47.11 -2.89 12.48
CA LYS B 377 48.15 -1.95 12.86
C LYS B 377 47.87 -0.60 12.21
N ILE B 378 48.88 0.27 12.20
CA ILE B 378 48.76 1.64 11.70
C ILE B 378 47.73 2.44 12.50
N ASN B 379 46.65 2.83 11.83
CA ASN B 379 45.64 3.79 12.29
C ASN B 379 46.24 5.12 12.77
N GLY B 380 45.64 5.72 13.80
CA GLY B 380 45.91 7.10 14.13
C GLY B 380 47.29 7.43 14.65
N GLU B 381 47.68 6.77 15.73
CA GLU B 381 48.94 7.09 16.40
C GLU B 381 50.14 6.78 15.51
N TYR B 382 50.00 5.75 14.68
CA TYR B 382 51.07 5.38 13.75
C TYR B 382 51.07 6.30 12.53
N LEU B 383 49.91 6.82 12.16
CA LEU B 383 49.84 7.81 11.09
C LEU B 383 50.40 9.15 11.58
N ILE B 384 50.45 9.32 12.89
CA ILE B 384 51.09 10.49 13.48
C ILE B 384 52.61 10.38 13.36
N ARG B 385 53.11 9.15 13.48
CA ARG B 385 54.55 8.89 13.39
C ARG B 385 55.07 9.10 11.96
N LYS B 386 54.15 9.22 11.01
CA LYS B 386 54.52 9.36 9.61
C LYS B 386 54.13 10.74 9.07
N GLY B 387 54.32 10.92 7.76
CA GLY B 387 54.17 12.22 7.12
C GLY B 387 52.87 12.97 7.35
N ILE B 388 51.75 12.26 7.48
CA ILE B 388 50.46 12.94 7.59
C ILE B 388 50.21 13.39 9.02
N THR B 389 49.11 14.13 9.22
CA THR B 389 48.76 14.75 10.51
C THR B 389 47.46 15.55 10.41
N SER B 390 47.05 16.11 11.54
CA SER B 390 45.97 17.10 11.60
C SER B 390 44.60 16.61 11.13
N GLY B 391 43.98 15.73 11.91
CA GLY B 391 42.56 15.45 11.80
C GLY B 391 42.02 14.66 10.63
N LYS B 392 40.93 15.18 10.06
CA LYS B 392 40.02 14.43 9.20
C LYS B 392 40.71 13.58 8.14
N ILE B 393 41.78 14.14 7.56
CA ILE B 393 42.51 13.47 6.50
C ILE B 393 42.89 12.04 6.91
N ILE B 394 43.58 11.92 8.05
CA ILE B 394 44.04 10.60 8.48
C ILE B 394 42.85 9.69 8.71
N GLY B 395 41.75 10.27 9.22
CA GLY B 395 40.53 9.52 9.43
C GLY B 395 40.12 8.88 8.13
N GLU B 396 40.04 9.69 7.08
CA GLU B 396 39.67 9.21 5.76
C GLU B 396 40.57 8.05 5.36
N VAL B 397 41.87 8.22 5.61
CA VAL B 397 42.85 7.22 5.23
C VAL B 397 42.46 5.89 5.83
N LEU B 398 42.10 5.90 7.12
CA LEU B 398 41.68 4.68 7.80
C LEU B 398 40.58 4.01 7.00
N GLU B 399 39.53 4.76 6.70
CA GLU B 399 38.40 4.21 5.98
C GLU B 399 38.87 3.62 4.66
N LYS B 400 39.77 4.32 3.99
CA LYS B 400 40.32 3.84 2.74
C LYS B 400 40.96 2.48 2.94
N ILE B 401 41.87 2.38 3.92
CA ILE B 401 42.59 1.13 4.13
C ILE B 401 41.64 0.08 4.69
N LEU B 402 40.48 0.54 5.18
CA LEU B 402 39.46 -0.38 5.63
C LEU B 402 38.74 -0.92 4.40
N MET B 403 38.42 -0.02 3.47
CA MET B 403 37.70 -0.39 2.26
C MET B 403 38.46 -1.43 1.45
N LYS B 404 39.75 -1.17 1.25
CA LYS B 404 40.61 -2.12 0.56
C LYS B 404 40.59 -3.48 1.25
N LYS B 405 40.45 -3.46 2.57
CA LYS B 405 40.43 -4.70 3.33
C LYS B 405 39.06 -5.38 3.26
N LEU B 406 38.03 -4.58 3.00
CA LEU B 406 36.67 -5.12 2.89
C LEU B 406 36.34 -5.57 1.47
N ASP B 407 37.22 -5.26 0.52
CA ASP B 407 37.00 -5.62 -0.87
C ASP B 407 37.58 -7.00 -1.16
N GLY B 408 38.11 -7.65 -0.12
CA GLY B 408 38.67 -8.98 -0.26
C GLY B 408 40.18 -8.97 -0.39
N ASP B 409 40.76 -7.78 -0.52
CA ASP B 409 42.21 -7.66 -0.64
C ASP B 409 42.82 -7.43 0.72
N THR B 410 43.50 -8.45 1.24
CA THR B 410 44.24 -8.31 2.48
C THR B 410 45.58 -9.02 2.39
N ARG B 411 46.68 -8.28 2.47
CA ARG B 411 47.99 -8.91 2.63
C ARG B 411 48.69 -8.39 3.86
N ASP B 412 49.29 -7.21 3.75
CA ASP B 412 49.87 -6.54 4.92
C ASP B 412 49.74 -5.01 4.89
N GLU B 413 49.12 -4.46 5.93
CA GLU B 413 49.51 -3.16 6.49
C GLU B 413 49.86 -2.03 5.51
N GLU B 414 51.11 -1.58 5.65
CA GLU B 414 51.65 -0.43 4.93
C GLU B 414 51.74 -0.63 3.43
N GLU B 415 51.48 -1.83 2.93
CA GLU B 415 51.34 -2.03 1.50
C GLU B 415 50.04 -1.38 1.05
N ILE B 416 48.95 -1.75 1.72
CA ILE B 416 47.65 -1.12 1.50
C ILE B 416 47.73 0.37 1.79
N LEU B 417 48.43 0.72 2.88
CA LEU B 417 48.63 2.13 3.22
C LEU B 417 49.30 2.88 2.07
N GLU B 418 50.38 2.31 1.53
CA GLU B 418 51.11 2.93 0.43
C GLU B 418 50.25 3.05 -0.81
N GLU B 419 49.40 2.05 -1.07
CA GLU B 419 48.49 2.12 -2.20
C GLU B 419 47.51 3.28 -2.04
N VAL B 420 46.96 3.42 -0.83
CA VAL B 420 46.03 4.50 -0.53
C VAL B 420 46.69 5.87 -0.71
N LEU B 421 47.87 6.04 -0.11
CA LEU B 421 48.61 7.30 -0.22
C LEU B 421 48.98 7.60 -1.67
N ALA B 422 49.22 6.55 -2.44
CA ALA B 422 49.54 6.70 -3.85
C ALA B 422 48.32 7.17 -4.64
N SER B 423 47.15 6.68 -4.24
CA SER B 423 45.90 7.09 -4.89
C SER B 423 45.48 8.48 -4.44
N LEU B 424 46.06 8.94 -3.34
CA LEU B 424 45.77 10.28 -2.82
C LEU B 424 46.47 11.36 -3.63
N GLU B 425 47.49 10.97 -4.39
CA GLU B 425 48.23 11.91 -5.24
C GLU B 425 47.50 12.14 -6.56
MG MG E . -17.25 3.12 -36.27
MG MG F . 0.46 -8.78 40.79
#